data_6NU5
#
_entry.id   6NU5
#
_cell.length_a   110.000
_cell.length_b   94.130
_cell.length_c   109.260
_cell.angle_alpha   90.00
_cell.angle_beta   95.61
_cell.angle_gamma   90.00
#
_symmetry.space_group_name_H-M   'C 1 2 1'
#
loop_
_entity.id
_entity.type
_entity.pdbx_description
1 polymer 'Pyruvate kinase PKM'
2 non-polymer CYSTEINE
3 non-polymer 'OXALATE ION'
4 non-polymer 'THIOCYANATE ION'
5 non-polymer 2-[3-(2-HYDROXY-1,1-DIHYDROXYMETHYL-ETHYLAMINO)-PROPYLAMINO]-2-HYDROXYMETHYL-PROPANE-1,3-DIOL
6 non-polymer 'MAGNESIUM ION'
7 non-polymer 'POTASSIUM ION'
8 non-polymer 1,2-ETHANEDIOL
9 water water
#
_entity_poly.entity_id   1
_entity_poly.type   'polypeptide(L)'
_entity_poly.pdbx_seq_one_letter_code
;MGSSHHHHHHSSGLVPRGSHMSKPHSEAGTAFIQTQQLHAAMADTFLEHMCRLDIDSPPITARNTGIICTIGPASRSVET
LKEMIKSGMNVARLNFSHGTHEYHAETIKNVRTATESFASDPILYRPVAVALDTKGPEIRTGLIKGSGTAEVELKKGATL
KITLDNAYMEKCDENILWLDYKNICKVVEVGSKIYVDDGLISLQVKQKGADFLVTEVENGGSLGSKKGVNLPGAAVDLPA
VSEKDIQDLKFGVEQDVDMVFASFIRKASDVHEVRKVLGEKGKNIKIISKIENHEGVRRFDEILEASDGIMVARGDLGIE
IPAEKVFLAQKMMIGRCNRAGKPVICATQMLESMIKKPRPTRAEGSDVANAVLDGADCIMLSGETAKGDYPLEAVRMQHL
IAREAEAAIYHLQLFEELRRLAPITSDPTEATAVGAVEASFKCCSGAIIVLTKSGRYAHQVARYRPRAPIIAVTRNPQTA
RQAHLYRGIFPVLCKDPVQEAWAEDVDLRVNFAMNVGKARGFFKKGDVVIVLTGWRPGSGFTNTMRVVPVP
;
_entity_poly.pdbx_strand_id   A,B
#
loop_
_chem_comp.id
_chem_comp.type
_chem_comp.name
_chem_comp.formula
B3P non-polymer 2-[3-(2-HYDROXY-1,1-DIHYDROXYMETHYL-ETHYLAMINO)-PROPYLAMINO]-2-HYDROXYMETHYL-PROPANE-1,3-DIOL 'C11 H26 N2 O6'
EDO non-polymer 1,2-ETHANEDIOL 'C2 H6 O2'
K non-polymer 'POTASSIUM ION' 'K 1'
MG non-polymer 'MAGNESIUM ION' 'Mg 2'
OXL non-polymer 'OXALATE ION' 'C2 O4 -2'
SCN non-polymer 'THIOCYANATE ION' 'C N S -1'
#
# COMPACT_ATOMS: atom_id res chain seq x y z
N GLU A 27 16.10 19.30 -30.53
CA GLU A 27 15.14 20.37 -30.78
C GLU A 27 14.14 20.43 -29.63
N ALA A 28 14.54 21.06 -28.53
CA ALA A 28 13.75 21.05 -27.30
C ALA A 28 12.42 21.78 -27.47
N GLY A 29 12.28 22.91 -26.77
CA GLY A 29 11.03 23.64 -26.78
C GLY A 29 10.77 24.32 -25.46
N THR A 30 10.41 23.54 -24.42
CA THR A 30 10.22 24.10 -23.10
C THR A 30 10.96 23.28 -22.04
N ALA A 31 10.31 22.24 -21.51
CA ALA A 31 10.82 21.50 -20.36
C ALA A 31 11.17 20.07 -20.77
N PHE A 32 12.47 19.77 -20.79
CA PHE A 32 12.93 18.39 -20.94
C PHE A 32 12.89 17.70 -19.58
N ILE A 33 12.17 16.59 -19.50
CA ILE A 33 11.97 15.89 -18.24
C ILE A 33 13.10 14.88 -18.05
N GLN A 34 13.86 15.05 -16.96
CA GLN A 34 14.89 14.07 -16.62
C GLN A 34 14.25 12.72 -16.35
N THR A 35 14.87 11.67 -16.90
CA THR A 35 14.42 10.32 -16.64
C THR A 35 14.76 9.93 -15.19
N GLN A 36 14.21 8.79 -14.78
CA GLN A 36 14.64 8.11 -13.56
C GLN A 36 14.42 8.97 -12.31
N GLN A 37 13.42 9.87 -12.35
CA GLN A 37 13.11 10.75 -11.22
C GLN A 37 14.35 11.50 -10.76
N LEU A 38 15.20 11.90 -11.71
CA LEU A 38 16.45 12.51 -11.29
C LEU A 38 16.24 13.88 -10.66
N HIS A 39 15.18 14.60 -11.07
CA HIS A 39 14.89 15.86 -10.39
C HIS A 39 14.56 15.62 -8.91
N ALA A 40 13.66 14.66 -8.63
CA ALA A 40 13.37 14.30 -7.26
C ALA A 40 14.60 13.78 -6.52
N ALA A 41 15.51 13.09 -7.23
CA ALA A 41 16.71 12.55 -6.60
C ALA A 41 17.59 13.65 -6.01
N MET A 42 17.56 14.83 -6.60
CA MET A 42 18.45 15.94 -6.20
C MET A 42 17.86 16.79 -5.09
N ALA A 43 16.64 16.53 -4.64
CA ALA A 43 16.03 17.37 -3.63
C ALA A 43 16.82 17.30 -2.32
N ASP A 44 16.84 18.42 -1.60
CA ASP A 44 17.59 18.51 -0.35
C ASP A 44 16.81 18.05 0.87
N THR A 45 15.52 17.76 0.72
CA THR A 45 14.71 17.24 1.80
C THR A 45 13.87 16.11 1.24
N PHE A 46 13.44 15.21 2.14
CA PHE A 46 12.53 14.16 1.70
C PHE A 46 11.19 14.73 1.25
N LEU A 47 10.69 15.74 1.97
CA LEU A 47 9.44 16.36 1.57
C LEU A 47 9.51 16.89 0.14
N GLU A 48 10.57 17.64 -0.18
CA GLU A 48 10.68 18.12 -1.56
C GLU A 48 10.95 16.99 -2.54
N HIS A 49 11.66 15.94 -2.11
CA HIS A 49 11.78 14.74 -2.94
C HIS A 49 10.41 14.23 -3.38
N MET A 50 9.48 14.09 -2.44
CA MET A 50 8.12 13.66 -2.77
C MET A 50 7.46 14.63 -3.74
N CYS A 51 7.59 15.94 -3.46
CA CYS A 51 6.92 16.95 -4.27
C CYS A 51 7.38 16.91 -5.73
N ARG A 52 8.57 16.39 -5.99
CA ARG A 52 9.13 16.37 -7.33
C ARG A 52 8.89 15.07 -8.08
N LEU A 53 8.27 14.08 -7.43
CA LEU A 53 8.01 12.82 -8.12
C LEU A 53 7.12 13.08 -9.33
N ASP A 54 7.48 12.50 -10.46
CA ASP A 54 6.94 12.94 -11.74
C ASP A 54 6.51 11.73 -12.55
N ILE A 55 5.19 11.59 -12.76
CA ILE A 55 4.69 10.49 -13.58
C ILE A 55 5.17 10.55 -15.02
N ASP A 56 5.71 11.69 -15.45
CA ASP A 56 6.21 11.83 -16.81
C ASP A 56 7.72 11.63 -16.90
N SER A 57 8.37 11.20 -15.82
CA SER A 57 9.79 10.88 -15.82
C SER A 57 9.94 9.36 -15.96
N PRO A 58 10.30 8.84 -17.14
CA PRO A 58 10.29 7.37 -17.32
C PRO A 58 11.47 6.72 -16.62
N PRO A 59 11.30 5.50 -16.12
CA PRO A 59 12.41 4.82 -15.43
C PRO A 59 13.44 4.28 -16.43
N ILE A 60 14.56 3.78 -15.89
CA ILE A 60 15.55 3.09 -16.71
C ILE A 60 14.99 1.73 -17.10
N THR A 61 15.73 1.03 -17.97
CA THR A 61 15.31 -0.31 -18.37
C THR A 61 15.43 -1.31 -17.21
N ALA A 62 16.53 -1.22 -16.45
CA ALA A 62 16.82 -2.23 -15.44
C ALA A 62 15.78 -2.20 -14.32
N ARG A 63 15.40 -3.38 -13.87
CA ARG A 63 14.50 -3.57 -12.73
C ARG A 63 15.26 -4.36 -11.68
N ASN A 64 15.43 -3.78 -10.50
CA ASN A 64 16.36 -4.32 -9.51
C ASN A 64 15.71 -5.26 -8.49
N THR A 65 14.41 -5.14 -8.25
CA THR A 65 13.78 -5.94 -7.20
C THR A 65 13.49 -7.35 -7.73
N GLY A 66 13.96 -8.36 -7.00
CA GLY A 66 13.69 -9.73 -7.43
C GLY A 66 12.21 -10.07 -7.36
N ILE A 67 11.74 -10.90 -8.30
CA ILE A 67 10.34 -11.32 -8.34
C ILE A 67 10.30 -12.83 -8.12
N ILE A 68 9.57 -13.25 -7.07
CA ILE A 68 9.42 -14.65 -6.68
C ILE A 68 7.98 -15.04 -6.98
N CYS A 69 7.79 -16.14 -7.71
CA CYS A 69 6.47 -16.55 -8.19
C CYS A 69 6.15 -17.94 -7.69
N THR A 70 5.00 -18.10 -7.05
CA THR A 70 4.57 -19.42 -6.62
C THR A 70 4.00 -20.16 -7.82
N ILE A 71 4.50 -21.37 -8.05
CA ILE A 71 4.12 -22.15 -9.21
C ILE A 71 3.04 -23.15 -8.79
N GLY A 72 2.01 -23.26 -9.60
CA GLY A 72 0.87 -24.11 -9.31
C GLY A 72 0.15 -24.46 -10.59
N PRO A 73 -1.09 -24.92 -10.47
CA PRO A 73 -1.83 -25.34 -11.69
C PRO A 73 -1.92 -24.28 -12.76
N ALA A 74 -1.95 -23.00 -12.39
CA ALA A 74 -2.06 -21.96 -13.40
C ALA A 74 -0.76 -21.67 -14.11
N SER A 75 0.38 -22.15 -13.59
CA SER A 75 1.67 -21.67 -14.08
C SER A 75 2.71 -22.76 -14.26
N ARG A 76 2.36 -24.04 -14.11
CA ARG A 76 3.41 -25.05 -14.08
C ARG A 76 3.66 -25.70 -15.43
N SER A 77 2.86 -25.41 -16.45
CA SER A 77 3.21 -25.91 -17.78
C SER A 77 4.50 -25.25 -18.26
N VAL A 78 5.24 -25.99 -19.08
CA VAL A 78 6.50 -25.48 -19.62
C VAL A 78 6.27 -24.20 -20.42
N GLU A 79 5.23 -24.16 -21.23
CA GLU A 79 5.02 -23.00 -22.09
C GLU A 79 4.66 -21.77 -21.27
N THR A 80 3.85 -21.94 -20.23
CA THR A 80 3.56 -20.80 -19.36
C THR A 80 4.82 -20.35 -18.61
N LEU A 81 5.62 -21.30 -18.13
CA LEU A 81 6.84 -20.93 -17.40
C LEU A 81 7.79 -20.14 -18.29
N LYS A 82 7.89 -20.49 -19.58
CA LYS A 82 8.71 -19.68 -20.47
C LYS A 82 8.24 -18.24 -20.48
N GLU A 83 6.92 -18.02 -20.52
CA GLU A 83 6.41 -16.66 -20.56
C GLU A 83 6.59 -15.96 -19.22
N MET A 84 6.46 -16.70 -18.12
CA MET A 84 6.73 -16.10 -16.82
CA MET A 84 6.76 -16.17 -16.78
C MET A 84 8.18 -15.65 -16.70
N ILE A 85 9.13 -16.44 -17.21
CA ILE A 85 10.53 -16.02 -17.20
C ILE A 85 10.71 -14.77 -18.03
N LYS A 86 10.15 -14.75 -19.24
CA LYS A 86 10.22 -13.57 -20.08
C LYS A 86 9.58 -12.37 -19.41
N SER A 87 8.52 -12.58 -18.63
CA SER A 87 7.83 -11.47 -17.96
C SER A 87 8.55 -11.00 -16.71
N GLY A 88 9.50 -11.76 -16.18
CA GLY A 88 10.31 -11.25 -15.09
C GLY A 88 10.51 -12.16 -13.90
N MET A 89 9.92 -13.35 -13.91
CA MET A 89 10.08 -14.26 -12.78
C MET A 89 11.55 -14.61 -12.59
N ASN A 90 12.05 -14.44 -11.37
CA ASN A 90 13.43 -14.80 -11.04
C ASN A 90 13.54 -16.06 -10.21
N VAL A 91 12.53 -16.35 -9.39
CA VAL A 91 12.54 -17.47 -8.46
C VAL A 91 11.21 -18.17 -8.56
N ALA A 92 11.25 -19.49 -8.70
CA ALA A 92 10.05 -20.32 -8.67
C ALA A 92 9.88 -20.87 -7.26
N ARG A 93 8.77 -20.49 -6.60
CA ARG A 93 8.47 -20.95 -5.26
C ARG A 93 7.55 -22.17 -5.31
N LEU A 94 7.98 -23.25 -4.66
CA LEU A 94 7.16 -24.46 -4.53
C LEU A 94 6.59 -24.49 -3.12
N ASN A 95 5.27 -24.42 -3.01
CA ASN A 95 4.61 -24.37 -1.71
C ASN A 95 4.29 -25.78 -1.26
N PHE A 96 5.07 -26.30 -0.31
CA PHE A 96 4.87 -27.68 0.15
C PHE A 96 3.72 -27.83 1.15
N SER A 97 2.94 -26.76 1.39
CA SER A 97 1.67 -26.94 2.08
C SER A 97 0.69 -27.74 1.24
N HIS A 98 0.91 -27.83 -0.08
CA HIS A 98 0.04 -28.53 -1.00
C HIS A 98 0.87 -29.38 -1.95
N GLY A 99 0.27 -30.47 -2.41
CA GLY A 99 0.95 -31.25 -3.43
C GLY A 99 1.85 -32.32 -2.86
N THR A 100 1.97 -33.40 -3.60
CA THR A 100 2.82 -34.52 -3.20
C THR A 100 4.19 -34.38 -3.86
N HIS A 101 5.11 -35.28 -3.50
CA HIS A 101 6.48 -35.12 -3.97
C HIS A 101 6.58 -35.27 -5.49
N GLU A 102 5.81 -36.18 -6.09
CA GLU A 102 5.91 -36.33 -7.54
CA GLU A 102 5.88 -36.34 -7.54
C GLU A 102 5.39 -35.09 -8.25
N TYR A 103 4.38 -34.42 -7.67
CA TYR A 103 3.87 -33.19 -8.25
C TYR A 103 4.94 -32.11 -8.24
N HIS A 104 5.62 -31.95 -7.10
CA HIS A 104 6.68 -30.96 -7.01
C HIS A 104 7.88 -31.34 -7.87
N ALA A 105 8.23 -32.63 -7.92
CA ALA A 105 9.29 -33.05 -8.83
C ALA A 105 8.98 -32.66 -10.27
N GLU A 106 7.72 -32.83 -10.70
CA GLU A 106 7.38 -32.48 -12.08
C GLU A 106 7.39 -30.97 -12.29
N THR A 107 6.93 -30.20 -11.31
CA THR A 107 7.03 -28.75 -11.42
C THR A 107 8.48 -28.32 -11.59
N ILE A 108 9.38 -28.87 -10.77
CA ILE A 108 10.79 -28.51 -10.86
C ILE A 108 11.35 -28.86 -12.22
N LYS A 109 11.02 -30.06 -12.70
CA LYS A 109 11.43 -30.47 -14.04
C LYS A 109 10.96 -29.47 -15.08
N ASN A 110 9.70 -29.04 -14.99
CA ASN A 110 9.17 -28.08 -15.96
C ASN A 110 9.86 -26.73 -15.84
N VAL A 111 10.13 -26.27 -14.61
CA VAL A 111 10.86 -25.01 -14.44
C VAL A 111 12.21 -25.08 -15.13
N ARG A 112 12.90 -26.22 -14.99
CA ARG A 112 14.22 -26.32 -15.58
C ARG A 112 14.15 -26.46 -17.10
N THR A 113 13.13 -27.15 -17.61
CA THR A 113 12.97 -27.23 -19.06
C THR A 113 12.77 -25.85 -19.66
N ALA A 114 11.85 -25.08 -19.06
CA ALA A 114 11.59 -23.71 -19.52
C ALA A 114 12.82 -22.85 -19.41
N THR A 115 13.50 -22.90 -18.26
CA THR A 115 14.69 -22.08 -18.05
C THR A 115 15.77 -22.42 -19.07
N GLU A 116 16.05 -23.71 -19.26
CA GLU A 116 17.15 -24.06 -20.15
C GLU A 116 16.79 -23.92 -21.61
N SER A 117 15.51 -23.70 -21.94
CA SER A 117 15.15 -23.43 -23.33
C SER A 117 15.77 -22.14 -23.83
N PHE A 118 16.23 -21.28 -22.92
CA PHE A 118 16.89 -20.04 -23.26
C PHE A 118 18.41 -20.14 -23.21
N ALA A 119 18.96 -21.31 -22.88
CA ALA A 119 20.39 -21.42 -22.59
C ALA A 119 21.27 -21.28 -23.83
N SER A 120 20.72 -21.42 -25.04
CA SER A 120 21.56 -21.35 -26.22
C SER A 120 22.21 -19.99 -26.42
N ASP A 121 21.69 -18.94 -25.76
CA ASP A 121 22.23 -17.59 -25.86
C ASP A 121 22.59 -17.13 -24.45
N PRO A 122 23.85 -17.32 -24.03
CA PRO A 122 24.22 -16.92 -22.66
C PRO A 122 24.08 -15.43 -22.41
N ILE A 123 24.13 -14.61 -23.45
CA ILE A 123 23.96 -13.17 -23.28
C ILE A 123 22.57 -12.87 -22.75
N LEU A 124 21.56 -13.60 -23.23
CA LEU A 124 20.18 -13.32 -22.87
C LEU A 124 19.61 -14.28 -21.84
N TYR A 125 20.25 -15.42 -21.61
CA TYR A 125 19.76 -16.40 -20.64
C TYR A 125 19.59 -15.76 -19.27
N ARG A 126 18.44 -16.02 -18.65
CA ARG A 126 18.21 -15.60 -17.27
C ARG A 126 18.23 -16.82 -16.36
N PRO A 127 19.12 -16.89 -15.37
CA PRO A 127 19.02 -17.95 -14.37
C PRO A 127 17.71 -17.85 -13.63
N VAL A 128 17.18 -18.99 -13.20
CA VAL A 128 15.94 -19.05 -12.44
C VAL A 128 16.14 -19.94 -11.24
N ALA A 129 15.90 -19.39 -10.04
CA ALA A 129 16.10 -20.16 -8.83
C ALA A 129 14.86 -20.98 -8.49
N VAL A 130 15.07 -22.03 -7.71
CA VAL A 130 14.00 -22.89 -7.20
C VAL A 130 14.00 -22.82 -5.68
N ALA A 131 12.86 -22.48 -5.11
CA ALA A 131 12.71 -22.31 -3.67
C ALA A 131 11.70 -23.30 -3.12
N LEU A 132 12.06 -23.98 -2.03
CA LEU A 132 11.18 -24.88 -1.34
C LEU A 132 10.60 -24.14 -0.13
N ASP A 133 9.28 -24.00 -0.09
CA ASP A 133 8.60 -23.34 1.02
C ASP A 133 7.95 -24.42 1.88
N THR A 134 8.38 -24.54 3.13
CA THR A 134 7.95 -25.67 3.94
C THR A 134 6.49 -25.54 4.37
N LYS A 135 5.87 -26.69 4.62
CA LYS A 135 4.57 -26.69 5.29
C LYS A 135 4.73 -26.14 6.70
N GLY A 136 5.60 -26.74 7.50
CA GLY A 136 5.81 -26.30 8.86
C GLY A 136 4.59 -26.55 9.74
N PRO A 137 4.55 -25.88 10.91
CA PRO A 137 3.52 -26.17 11.92
C PRO A 137 2.18 -25.52 11.61
N GLU A 138 1.61 -25.89 10.47
CA GLU A 138 0.27 -25.50 10.08
C GLU A 138 -0.79 -26.27 10.85
N ILE A 139 -1.93 -25.61 11.02
CA ILE A 139 -3.17 -26.24 11.46
C ILE A 139 -4.14 -26.18 10.30
N ARG A 140 -4.74 -27.32 9.94
CA ARG A 140 -5.63 -27.40 8.79
C ARG A 140 -6.91 -28.13 9.18
N THR A 141 -8.00 -27.73 8.54
CA THR A 141 -9.27 -28.43 8.73
C THR A 141 -9.33 -29.66 7.83
N GLY A 142 -10.42 -30.42 7.98
CA GLY A 142 -10.64 -31.61 7.17
C GLY A 142 -11.44 -31.32 5.92
N LEU A 143 -12.03 -32.39 5.38
CA LEU A 143 -12.81 -32.28 4.15
C LEU A 143 -14.28 -32.06 4.47
N ILE A 144 -14.91 -31.16 3.73
CA ILE A 144 -16.35 -30.97 3.85
C ILE A 144 -17.04 -32.27 3.44
N LYS A 145 -18.08 -32.64 4.19
CA LYS A 145 -18.76 -33.91 3.93
C LYS A 145 -19.30 -33.92 2.50
N GLY A 146 -19.36 -35.13 1.94
CA GLY A 146 -19.71 -35.29 0.54
C GLY A 146 -18.49 -35.67 -0.28
N SER A 147 -18.17 -34.85 -1.27
CA SER A 147 -16.98 -35.08 -2.09
C SER A 147 -15.74 -34.40 -1.55
N GLY A 148 -15.89 -33.43 -0.64
CA GLY A 148 -14.81 -32.59 -0.17
C GLY A 148 -14.67 -31.28 -0.92
N THR A 149 -15.31 -31.16 -2.09
CA THR A 149 -15.26 -29.92 -2.87
C THR A 149 -16.42 -28.98 -2.58
N ALA A 150 -17.42 -29.42 -1.83
CA ALA A 150 -18.51 -28.53 -1.46
C ALA A 150 -18.05 -27.59 -0.36
N GLU A 151 -18.93 -26.66 0.00
CA GLU A 151 -18.70 -25.73 1.09
C GLU A 151 -19.95 -25.64 1.95
N VAL A 152 -19.77 -25.27 3.20
CA VAL A 152 -20.89 -25.02 4.10
C VAL A 152 -20.86 -23.56 4.53
N GLU A 153 -22.05 -23.00 4.74
CA GLU A 153 -22.17 -21.62 5.16
C GLU A 153 -22.26 -21.57 6.67
N LEU A 154 -21.24 -21.00 7.30
CA LEU A 154 -21.25 -20.76 8.73
C LEU A 154 -21.94 -19.42 9.00
N LYS A 155 -22.96 -19.44 9.84
CA LYS A 155 -23.77 -18.27 10.12
C LYS A 155 -23.37 -17.65 11.46
N LYS A 156 -23.35 -16.31 11.50
CA LYS A 156 -23.00 -15.60 12.71
C LYS A 156 -23.92 -15.99 13.86
N GLY A 157 -23.32 -16.21 15.04
CA GLY A 157 -24.06 -16.59 16.22
C GLY A 157 -24.35 -18.06 16.36
N ALA A 158 -24.22 -18.84 15.28
CA ALA A 158 -24.45 -20.27 15.36
C ALA A 158 -23.35 -20.95 16.15
N THR A 159 -23.65 -22.15 16.63
CA THR A 159 -22.68 -22.97 17.35
C THR A 159 -21.93 -23.85 16.35
N LEU A 160 -20.64 -24.02 16.59
CA LEU A 160 -19.81 -24.88 15.76
C LEU A 160 -18.91 -25.68 16.67
N LYS A 161 -18.97 -27.01 16.56
CA LYS A 161 -18.14 -27.88 17.37
C LYS A 161 -16.85 -28.19 16.60
N ILE A 162 -15.72 -27.97 17.24
CA ILE A 162 -14.43 -28.38 16.69
C ILE A 162 -14.08 -29.72 17.32
N THR A 163 -13.75 -30.71 16.51
CA THR A 163 -13.47 -32.04 17.01
C THR A 163 -12.09 -32.51 16.54
N LEU A 164 -11.46 -33.35 17.36
CA LEU A 164 -10.24 -34.04 16.96
C LEU A 164 -10.49 -35.50 16.60
N ASP A 165 -11.72 -35.98 16.78
CA ASP A 165 -12.15 -37.34 16.45
C ASP A 165 -12.04 -37.58 14.95
N ASN A 166 -11.09 -38.44 14.54
CA ASN A 166 -10.81 -38.68 13.13
C ASN A 166 -11.98 -39.25 12.35
N ALA A 167 -13.02 -39.75 13.04
CA ALA A 167 -14.23 -40.18 12.35
C ALA A 167 -14.82 -39.06 11.50
N TYR A 168 -14.56 -37.80 11.87
CA TYR A 168 -15.13 -36.65 11.17
C TYR A 168 -14.14 -35.97 10.25
N MET A 169 -12.94 -36.52 10.06
CA MET A 169 -11.92 -35.82 9.30
C MET A 169 -12.32 -35.59 7.84
N GLU A 170 -13.27 -36.37 7.31
CA GLU A 170 -13.83 -36.11 6.00
C GLU A 170 -15.33 -35.88 6.07
N LYS A 171 -15.83 -35.45 7.23
CA LYS A 171 -17.25 -35.23 7.47
C LYS A 171 -17.48 -33.88 8.13
N CYS A 172 -16.72 -32.86 7.70
CA CYS A 172 -16.90 -31.53 8.24
C CYS A 172 -18.16 -30.88 7.66
N ASP A 173 -18.91 -30.18 8.51
CA ASP A 173 -20.05 -29.42 8.01
C ASP A 173 -20.30 -28.25 8.97
N GLU A 174 -21.48 -27.63 8.86
CA GLU A 174 -21.78 -26.44 9.64
C GLU A 174 -21.98 -26.72 11.13
N ASN A 175 -21.99 -27.99 11.55
CA ASN A 175 -22.14 -28.33 12.95
C ASN A 175 -20.88 -28.89 13.60
N ILE A 176 -20.03 -29.57 12.84
CA ILE A 176 -18.83 -30.17 13.40
C ILE A 176 -17.66 -29.95 12.45
N LEU A 177 -16.53 -29.51 13.00
CA LEU A 177 -15.36 -29.16 12.21
C LEU A 177 -14.16 -29.92 12.76
N TRP A 178 -13.58 -30.78 11.92
CA TRP A 178 -12.37 -31.49 12.30
C TRP A 178 -11.14 -30.68 11.89
N LEU A 179 -10.13 -30.67 12.76
CA LEU A 179 -8.82 -30.15 12.38
C LEU A 179 -7.74 -31.07 12.92
N ASP A 180 -6.51 -30.84 12.47
CA ASP A 180 -5.45 -31.84 12.60
C ASP A 180 -4.46 -31.53 13.72
N TYR A 181 -4.73 -30.54 14.57
CA TYR A 181 -3.83 -30.18 15.65
C TYR A 181 -4.28 -30.90 16.92
N LYS A 182 -3.60 -32.00 17.24
CA LYS A 182 -4.06 -32.90 18.30
C LYS A 182 -4.00 -32.29 19.70
N ASN A 183 -3.15 -31.27 19.92
CA ASN A 183 -3.03 -30.68 21.24
C ASN A 183 -3.79 -29.36 21.37
N ILE A 184 -4.72 -29.08 20.44
CA ILE A 184 -5.36 -27.77 20.41
C ILE A 184 -6.10 -27.47 21.72
N CYS A 185 -6.77 -28.46 22.30
CA CYS A 185 -7.54 -28.19 23.51
C CYS A 185 -6.65 -27.78 24.67
N LYS A 186 -5.37 -28.16 24.66
CA LYS A 186 -4.48 -27.74 25.73
C LYS A 186 -4.15 -26.26 25.65
N VAL A 187 -3.97 -25.72 24.44
CA VAL A 187 -3.38 -24.39 24.28
C VAL A 187 -4.40 -23.27 24.18
N VAL A 188 -5.66 -23.58 23.96
CA VAL A 188 -6.70 -22.56 23.91
C VAL A 188 -7.47 -22.58 25.22
N GLU A 189 -8.29 -21.55 25.43
CA GLU A 189 -9.11 -21.44 26.62
C GLU A 189 -10.44 -20.83 26.24
N VAL A 190 -11.41 -20.93 27.16
CA VAL A 190 -12.70 -20.28 26.94
C VAL A 190 -12.48 -18.80 26.72
N GLY A 191 -13.12 -18.25 25.69
CA GLY A 191 -12.96 -16.87 25.32
C GLY A 191 -11.96 -16.63 24.20
N SER A 192 -11.00 -17.54 24.01
CA SER A 192 -10.02 -17.41 22.94
CA SER A 192 -10.03 -17.35 22.95
C SER A 192 -10.73 -17.39 21.58
N LYS A 193 -10.06 -16.78 20.60
CA LYS A 193 -10.58 -16.70 19.24
C LYS A 193 -9.83 -17.67 18.34
N ILE A 194 -10.56 -18.28 17.41
CA ILE A 194 -10.00 -19.21 16.44
C ILE A 194 -10.37 -18.71 15.06
N TYR A 195 -9.37 -18.59 14.18
CA TYR A 195 -9.59 -18.07 12.85
C TYR A 195 -9.42 -19.19 11.82
N VAL A 196 -10.27 -19.17 10.80
CA VAL A 196 -10.25 -20.18 9.75
C VAL A 196 -10.29 -19.49 8.39
N ASP A 197 -9.48 -20.02 7.46
CA ASP A 197 -9.44 -19.61 6.06
C ASP A 197 -8.99 -18.16 5.87
N ASP A 198 -7.67 -17.93 5.91
CA ASP A 198 -7.12 -16.59 5.76
C ASP A 198 -7.70 -15.63 6.79
N GLY A 199 -8.01 -16.14 7.98
CA GLY A 199 -8.57 -15.31 9.02
C GLY A 199 -9.92 -14.72 8.73
N LEU A 200 -10.61 -15.19 7.68
CA LEU A 200 -11.91 -14.64 7.29
C LEU A 200 -13.05 -15.15 8.14
N ILE A 201 -12.98 -16.38 8.64
CA ILE A 201 -13.96 -16.92 9.56
C ILE A 201 -13.37 -16.86 10.96
N SER A 202 -14.13 -16.34 11.92
CA SER A 202 -13.69 -16.28 13.30
C SER A 202 -14.69 -16.98 14.20
N LEU A 203 -14.16 -17.70 15.18
CA LEU A 203 -14.93 -18.44 16.15
C LEU A 203 -14.45 -18.06 17.54
N GLN A 204 -15.37 -18.02 18.50
CA GLN A 204 -15.01 -17.81 19.89
C GLN A 204 -15.28 -19.07 20.68
N VAL A 205 -14.28 -19.50 21.44
CA VAL A 205 -14.39 -20.73 22.22
C VAL A 205 -15.31 -20.47 23.41
N LYS A 206 -16.46 -21.15 23.44
CA LYS A 206 -17.38 -21.03 24.57
C LYS A 206 -17.16 -22.13 25.60
N GLN A 207 -16.97 -23.37 25.16
CA GLN A 207 -16.80 -24.51 26.05
C GLN A 207 -15.65 -25.38 25.56
N LYS A 208 -14.88 -25.90 26.50
CA LYS A 208 -13.81 -26.84 26.23
C LYS A 208 -14.24 -28.27 26.58
N GLY A 209 -13.54 -29.23 26.00
CA GLY A 209 -13.80 -30.62 26.27
C GLY A 209 -12.54 -31.45 26.16
N ALA A 210 -12.68 -32.78 26.24
CA ALA A 210 -11.55 -33.68 26.14
C ALA A 210 -10.83 -33.51 24.80
N ASP A 211 -11.50 -33.88 23.71
CA ASP A 211 -10.97 -33.73 22.37
C ASP A 211 -11.92 -32.91 21.51
N PHE A 212 -12.52 -31.87 22.09
CA PHE A 212 -13.43 -31.03 21.32
C PHE A 212 -13.49 -29.64 21.93
N LEU A 213 -13.95 -28.69 21.10
CA LEU A 213 -14.23 -27.34 21.53
C LEU A 213 -15.62 -26.97 21.03
N VAL A 214 -16.38 -26.26 21.85
CA VAL A 214 -17.67 -25.71 21.44
C VAL A 214 -17.47 -24.21 21.22
N THR A 215 -17.67 -23.77 19.98
CA THR A 215 -17.43 -22.38 19.61
C THR A 215 -18.70 -21.73 19.09
N GLU A 216 -18.72 -20.40 19.13
CA GLU A 216 -19.76 -19.62 18.50
C GLU A 216 -19.15 -18.85 17.32
N VAL A 217 -19.86 -18.87 16.19
CA VAL A 217 -19.38 -18.19 14.99
C VAL A 217 -19.52 -16.68 15.18
N GLU A 218 -18.38 -15.98 15.14
CA GLU A 218 -18.37 -14.51 15.17
C GLU A 218 -18.49 -13.95 13.75
N ASN A 219 -17.44 -14.06 12.95
CA ASN A 219 -17.50 -13.75 11.53
C ASN A 219 -17.79 -15.04 10.77
N GLY A 220 -18.97 -15.12 10.17
CA GLY A 220 -19.34 -16.28 9.38
C GLY A 220 -18.83 -16.19 7.96
N GLY A 221 -19.20 -17.18 7.17
CA GLY A 221 -18.81 -17.24 5.78
C GLY A 221 -18.86 -18.65 5.27
N SER A 222 -18.46 -18.81 4.01
CA SER A 222 -18.47 -20.10 3.34
C SER A 222 -17.17 -20.83 3.63
N LEU A 223 -17.28 -22.05 4.15
CA LEU A 223 -16.12 -22.82 4.59
C LEU A 223 -15.92 -24.00 3.64
N GLY A 224 -14.72 -24.09 3.07
CA GLY A 224 -14.33 -25.21 2.24
C GLY A 224 -13.43 -26.18 2.99
N SER A 225 -12.80 -27.06 2.23
CA SER A 225 -12.00 -28.14 2.81
C SER A 225 -10.55 -27.71 3.01
N LYS A 226 -9.95 -28.24 4.07
CA LYS A 226 -8.49 -28.14 4.29
C LYS A 226 -8.04 -26.69 4.32
N LYS A 227 -8.71 -25.88 5.13
CA LYS A 227 -8.37 -24.48 5.26
C LYS A 227 -7.44 -24.26 6.44
N GLY A 228 -6.63 -23.21 6.34
CA GLY A 228 -5.69 -22.90 7.40
C GLY A 228 -6.37 -22.32 8.62
N VAL A 229 -5.85 -22.67 9.79
CA VAL A 229 -6.40 -22.29 11.09
C VAL A 229 -5.32 -21.56 11.88
N ASN A 230 -5.69 -20.45 12.52
CA ASN A 230 -4.77 -19.69 13.34
C ASN A 230 -5.33 -19.51 14.73
N LEU A 231 -4.45 -19.58 15.73
CA LEU A 231 -4.81 -19.43 17.14
C LEU A 231 -4.00 -18.27 17.72
N PRO A 232 -4.36 -17.03 17.41
CA PRO A 232 -3.60 -15.87 17.93
C PRO A 232 -3.57 -15.88 19.45
N GLY A 233 -2.42 -15.53 20.00
CA GLY A 233 -2.26 -15.52 21.44
C GLY A 233 -2.19 -16.87 22.11
N ALA A 234 -2.41 -17.97 21.38
CA ALA A 234 -2.19 -19.30 21.94
C ALA A 234 -0.74 -19.71 21.73
N ALA A 235 -0.21 -20.45 22.70
CA ALA A 235 1.16 -20.96 22.61
C ALA A 235 1.13 -22.31 21.91
N VAL A 236 1.11 -22.27 20.58
CA VAL A 236 1.07 -23.50 19.78
C VAL A 236 2.43 -24.18 19.87
N ASP A 237 2.42 -25.48 20.17
CA ASP A 237 3.64 -26.21 20.50
C ASP A 237 4.05 -27.20 19.42
N LEU A 238 3.53 -27.03 18.21
CA LEU A 238 3.99 -27.83 17.08
C LEU A 238 5.44 -27.47 16.75
N PRO A 239 6.23 -28.43 16.27
CA PRO A 239 7.62 -28.13 15.93
C PRO A 239 7.73 -27.28 14.67
N ALA A 240 8.75 -26.42 14.63
CA ALA A 240 8.97 -25.67 13.41
C ALA A 240 9.28 -26.61 12.24
N VAL A 241 9.99 -27.70 12.53
CA VAL A 241 10.37 -28.68 11.51
C VAL A 241 9.92 -30.04 12.04
N SER A 242 8.82 -30.56 11.51
CA SER A 242 8.30 -31.86 11.90
C SER A 242 9.05 -32.95 11.14
N GLU A 243 8.77 -34.20 11.53
CA GLU A 243 9.33 -35.33 10.79
C GLU A 243 8.93 -35.26 9.32
N LYS A 244 7.68 -34.92 9.03
CA LYS A 244 7.28 -34.79 7.63
C LYS A 244 7.99 -33.62 6.95
N ASP A 245 8.22 -32.52 7.66
CA ASP A 245 8.98 -31.41 7.07
C ASP A 245 10.39 -31.85 6.70
N ILE A 246 11.02 -32.65 7.57
CA ILE A 246 12.35 -33.16 7.26
C ILE A 246 12.33 -33.97 5.97
N GLN A 247 11.30 -34.81 5.80
CA GLN A 247 11.19 -35.55 4.55
C GLN A 247 11.10 -34.62 3.35
N ASP A 248 10.39 -33.49 3.50
CA ASP A 248 10.34 -32.52 2.41
C ASP A 248 11.70 -31.88 2.18
N LEU A 249 12.40 -31.52 3.26
CA LEU A 249 13.70 -30.88 3.10
C LEU A 249 14.70 -31.81 2.44
N LYS A 250 14.71 -33.09 2.84
CA LYS A 250 15.59 -34.06 2.20
C LYS A 250 15.30 -34.18 0.72
N PHE A 251 14.01 -34.24 0.36
CA PHE A 251 13.61 -34.22 -1.04
C PHE A 251 14.13 -32.98 -1.73
N GLY A 252 14.06 -31.83 -1.07
CA GLY A 252 14.59 -30.61 -1.66
C GLY A 252 16.07 -30.69 -1.95
N VAL A 253 16.84 -31.30 -1.05
CA VAL A 253 18.26 -31.49 -1.33
C VAL A 253 18.45 -32.41 -2.53
N GLU A 254 17.68 -33.50 -2.59
CA GLU A 254 17.77 -34.40 -3.74
C GLU A 254 17.46 -33.69 -5.03
N GLN A 255 16.52 -32.74 -5.00
CA GLN A 255 16.10 -31.99 -6.17
C GLN A 255 16.97 -30.78 -6.45
N ASP A 256 18.02 -30.55 -5.64
CA ASP A 256 18.99 -29.49 -5.88
C ASP A 256 18.33 -28.11 -5.81
N VAL A 257 17.42 -27.92 -4.85
CA VAL A 257 16.81 -26.58 -4.73
C VAL A 257 17.86 -25.59 -4.26
N ASP A 258 17.60 -24.31 -4.52
CA ASP A 258 18.55 -23.25 -4.22
C ASP A 258 18.37 -22.64 -2.84
N MET A 259 17.16 -22.71 -2.31
CA MET A 259 16.84 -22.02 -1.09
C MET A 259 15.60 -22.66 -0.47
N VAL A 260 15.51 -22.52 0.85
CA VAL A 260 14.36 -22.97 1.64
C VAL A 260 13.72 -21.74 2.25
N PHE A 261 12.41 -21.60 2.09
CA PHE A 261 11.62 -20.63 2.83
C PHE A 261 10.97 -21.40 3.98
N ALA A 262 11.48 -21.20 5.19
CA ALA A 262 11.07 -22.01 6.34
C ALA A 262 9.89 -21.34 7.07
N SER A 263 8.75 -22.04 7.06
CA SER A 263 7.54 -21.47 7.63
C SER A 263 7.56 -21.40 9.15
N PHE A 264 6.96 -20.34 9.69
CA PHE A 264 6.67 -20.19 11.13
C PHE A 264 7.92 -20.26 12.01
N ILE A 265 9.03 -19.69 11.56
CA ILE A 265 10.23 -19.68 12.39
C ILE A 265 9.99 -18.78 13.61
N ARG A 266 10.21 -19.33 14.80
CA ARG A 266 9.94 -18.62 16.05
C ARG A 266 11.19 -18.22 16.83
N LYS A 267 12.33 -18.83 16.53
CA LYS A 267 13.52 -18.66 17.35
C LYS A 267 14.72 -19.17 16.57
N ALA A 268 15.91 -18.80 17.03
CA ALA A 268 17.13 -19.13 16.30
C ALA A 268 17.26 -20.65 16.15
N SER A 269 16.90 -21.40 17.19
CA SER A 269 17.11 -22.84 17.12
C SER A 269 16.25 -23.48 16.04
N ASP A 270 15.10 -22.88 15.71
CA ASP A 270 14.31 -23.39 14.58
C ASP A 270 15.10 -23.29 13.28
N VAL A 271 15.82 -22.19 13.08
CA VAL A 271 16.64 -22.06 11.89
C VAL A 271 17.67 -23.18 11.82
N HIS A 272 18.31 -23.47 12.96
CA HIS A 272 19.30 -24.54 13.01
C HIS A 272 18.69 -25.90 12.69
N GLU A 273 17.44 -26.13 13.09
CA GLU A 273 16.78 -27.38 12.75
C GLU A 273 16.63 -27.53 11.24
N VAL A 274 16.31 -26.44 10.53
CA VAL A 274 16.27 -26.48 9.08
C VAL A 274 17.66 -26.70 8.49
N ARG A 275 18.63 -25.89 8.91
CA ARG A 275 19.94 -25.91 8.25
CA ARG A 275 19.94 -25.91 8.26
C ARG A 275 20.67 -27.22 8.51
N LYS A 276 20.74 -27.66 9.77
CA LYS A 276 21.56 -28.83 10.08
C LYS A 276 21.01 -30.08 9.41
N VAL A 277 19.68 -30.20 9.24
CA VAL A 277 19.17 -31.47 8.73
C VAL A 277 19.43 -31.61 7.24
N LEU A 278 19.78 -30.51 6.55
CA LEU A 278 20.11 -30.64 5.13
C LEU A 278 21.45 -31.34 4.92
N GLY A 279 22.26 -31.47 5.97
CA GLY A 279 23.49 -32.22 5.87
C GLY A 279 24.56 -31.46 5.09
N GLU A 280 25.70 -32.14 4.93
CA GLU A 280 26.79 -31.57 4.14
C GLU A 280 26.35 -31.31 2.71
N LYS A 281 25.57 -32.23 2.14
CA LYS A 281 25.14 -32.10 0.76
C LYS A 281 24.35 -30.82 0.54
N GLY A 282 23.59 -30.39 1.55
CA GLY A 282 22.75 -29.23 1.39
C GLY A 282 23.28 -27.96 2.02
N LYS A 283 24.58 -27.93 2.38
CA LYS A 283 25.11 -26.83 3.17
C LYS A 283 25.10 -25.50 2.41
N ASN A 284 25.04 -25.50 1.09
CA ASN A 284 25.05 -24.26 0.33
C ASN A 284 23.65 -23.73 0.06
N ILE A 285 22.61 -24.46 0.46
CA ILE A 285 21.23 -24.01 0.25
C ILE A 285 20.95 -22.84 1.18
N LYS A 286 20.40 -21.75 0.64
CA LYS A 286 20.13 -20.58 1.46
C LYS A 286 18.88 -20.79 2.31
N ILE A 287 18.96 -20.41 3.58
CA ILE A 287 17.87 -20.59 4.54
C ILE A 287 17.22 -19.23 4.79
N ILE A 288 15.99 -19.08 4.32
CA ILE A 288 15.20 -17.87 4.51
C ILE A 288 14.16 -18.15 5.59
N SER A 289 14.20 -17.43 6.70
CA SER A 289 13.20 -17.65 7.74
C SER A 289 11.97 -16.82 7.45
N LYS A 290 10.81 -17.48 7.46
CA LYS A 290 9.52 -16.79 7.31
C LYS A 290 9.05 -16.34 8.69
N ILE A 291 8.81 -15.04 8.84
CA ILE A 291 8.30 -14.49 10.08
C ILE A 291 6.81 -14.29 9.91
N GLU A 292 6.02 -15.08 10.64
CA GLU A 292 4.57 -15.00 10.47
C GLU A 292 3.82 -15.23 11.77
N ASN A 293 4.46 -15.01 12.91
CA ASN A 293 3.75 -15.01 14.18
C ASN A 293 4.43 -14.04 15.14
N HIS A 294 3.79 -13.85 16.29
CA HIS A 294 4.25 -12.82 17.21
C HIS A 294 5.62 -13.14 17.77
N GLU A 295 5.88 -14.41 18.06
CA GLU A 295 7.17 -14.76 18.64
C GLU A 295 8.31 -14.55 17.64
N GLY A 296 8.08 -14.87 16.37
CA GLY A 296 9.11 -14.60 15.37
C GLY A 296 9.46 -13.12 15.29
N VAL A 297 8.47 -12.25 15.44
CA VAL A 297 8.75 -10.82 15.48
C VAL A 297 9.56 -10.47 16.72
N ARG A 298 9.13 -10.97 17.88
CA ARG A 298 9.81 -10.63 19.12
C ARG A 298 11.25 -11.12 19.12
N ARG A 299 11.48 -12.33 18.61
CA ARG A 299 12.82 -12.90 18.54
C ARG A 299 13.51 -12.63 17.22
N PHE A 300 13.12 -11.56 16.52
CA PHE A 300 13.60 -11.35 15.15
C PHE A 300 15.12 -11.27 15.07
N ASP A 301 15.77 -10.55 16.01
CA ASP A 301 17.20 -10.32 15.86
C ASP A 301 17.97 -11.63 15.89
N GLU A 302 17.61 -12.55 16.80
CA GLU A 302 18.33 -13.82 16.86
C GLU A 302 18.00 -14.70 15.66
N ILE A 303 16.78 -14.60 15.13
CA ILE A 303 16.45 -15.34 13.91
C ILE A 303 17.25 -14.79 12.73
N LEU A 304 17.29 -13.45 12.59
CA LEU A 304 18.03 -12.86 11.49
C LEU A 304 19.50 -13.28 11.53
N GLU A 305 20.09 -13.30 12.73
CA GLU A 305 21.51 -13.64 12.84
C GLU A 305 21.77 -15.07 12.35
N ALA A 306 20.84 -15.98 12.63
CA ALA A 306 21.02 -17.38 12.25
C ALA A 306 20.64 -17.65 10.80
N SER A 307 19.91 -16.75 10.15
CA SER A 307 19.36 -17.00 8.84
C SER A 307 20.23 -16.38 7.76
N ASP A 308 20.06 -16.89 6.53
CA ASP A 308 20.65 -16.22 5.37
C ASP A 308 19.82 -15.04 4.91
N GLY A 309 18.50 -15.09 5.14
CA GLY A 309 17.59 -14.02 4.76
C GLY A 309 16.26 -14.22 5.44
N ILE A 310 15.31 -13.33 5.12
CA ILE A 310 14.04 -13.24 5.83
C ILE A 310 12.90 -13.11 4.81
N MET A 311 11.76 -13.74 5.09
CA MET A 311 10.52 -13.41 4.41
C MET A 311 9.54 -12.81 5.38
N VAL A 312 8.99 -11.64 5.03
CA VAL A 312 7.88 -11.07 5.78
C VAL A 312 6.64 -11.76 5.24
N ALA A 313 6.17 -12.77 5.97
CA ALA A 313 5.13 -13.68 5.49
C ALA A 313 3.80 -13.16 5.98
N ARG A 314 3.25 -12.20 5.23
CA ARG A 314 2.20 -11.35 5.80
C ARG A 314 0.87 -12.04 5.93
N GLY A 315 0.65 -13.15 5.24
CA GLY A 315 -0.62 -13.86 5.32
C GLY A 315 -0.90 -14.32 6.73
N ASP A 316 -0.10 -15.27 7.22
CA ASP A 316 -0.24 -15.69 8.61
C ASP A 316 0.06 -14.55 9.58
N LEU A 317 1.03 -13.69 9.24
CA LEU A 317 1.42 -12.67 10.21
C LEU A 317 0.22 -11.78 10.54
N GLY A 318 -0.57 -11.41 9.53
CA GLY A 318 -1.70 -10.54 9.72
C GLY A 318 -2.93 -11.19 10.33
N ILE A 319 -2.86 -12.49 10.60
CA ILE A 319 -3.86 -13.16 11.42
C ILE A 319 -3.36 -13.39 12.83
N GLU A 320 -2.07 -13.71 12.96
CA GLU A 320 -1.47 -13.96 14.26
C GLU A 320 -1.37 -12.68 15.10
N ILE A 321 -1.09 -11.55 14.45
CA ILE A 321 -1.12 -10.26 15.12
C ILE A 321 -2.19 -9.41 14.44
N PRO A 322 -2.62 -8.32 15.07
CA PRO A 322 -3.67 -7.48 14.47
C PRO A 322 -3.26 -6.97 13.10
N ALA A 323 -4.22 -6.95 12.17
CA ALA A 323 -3.95 -6.56 10.79
C ALA A 323 -3.31 -5.18 10.74
N GLU A 324 -3.73 -4.29 11.64
CA GLU A 324 -3.25 -2.91 11.65
C GLU A 324 -1.81 -2.78 12.10
N LYS A 325 -1.19 -3.86 12.59
CA LYS A 325 0.20 -3.79 13.02
C LYS A 325 1.17 -4.37 12.01
N VAL A 326 0.68 -5.01 10.94
CA VAL A 326 1.58 -5.71 10.03
C VAL A 326 2.58 -4.75 9.40
N PHE A 327 2.15 -3.53 9.04
CA PHE A 327 3.08 -2.62 8.38
C PHE A 327 4.25 -2.24 9.29
N LEU A 328 4.02 -2.17 10.60
CA LEU A 328 5.12 -1.96 11.54
C LEU A 328 6.11 -3.10 11.48
N ALA A 329 5.60 -4.33 11.51
CA ALA A 329 6.50 -5.47 11.48
C ALA A 329 7.25 -5.54 10.17
N GLN A 330 6.57 -5.24 9.07
CA GLN A 330 7.20 -5.26 7.75
C GLN A 330 8.32 -4.23 7.66
N LYS A 331 8.05 -2.99 8.07
CA LYS A 331 9.08 -1.97 7.96
C LYS A 331 10.21 -2.21 8.95
N MET A 332 9.89 -2.73 10.13
CA MET A 332 10.94 -3.12 11.07
C MET A 332 11.85 -4.17 10.47
N MET A 333 11.29 -5.23 9.90
CA MET A 333 12.13 -6.32 9.41
C MET A 333 12.91 -5.89 8.18
N ILE A 334 12.28 -5.15 7.26
CA ILE A 334 13.01 -4.71 6.08
C ILE A 334 14.15 -3.79 6.51
N GLY A 335 13.87 -2.88 7.44
CA GLY A 335 14.93 -2.00 7.94
C GLY A 335 16.08 -2.77 8.56
N ARG A 336 15.77 -3.77 9.40
CA ARG A 336 16.83 -4.50 10.08
C ARG A 336 17.59 -5.39 9.11
N CYS A 337 16.90 -5.95 8.12
CA CYS A 337 17.59 -6.71 7.09
C CYS A 337 18.50 -5.82 6.25
N ASN A 338 18.01 -4.61 5.87
CA ASN A 338 18.88 -3.68 5.15
C ASN A 338 20.11 -3.33 6.00
N ARG A 339 19.90 -3.16 7.31
CA ARG A 339 21.00 -2.78 8.20
C ARG A 339 22.03 -3.91 8.27
N ALA A 340 21.57 -5.16 8.22
CA ALA A 340 22.45 -6.32 8.33
C ALA A 340 23.00 -6.77 6.99
N GLY A 341 22.51 -6.22 5.89
CA GLY A 341 22.92 -6.68 4.58
C GLY A 341 22.41 -8.07 4.25
N LYS A 342 21.27 -8.47 4.80
CA LYS A 342 20.73 -9.78 4.45
C LYS A 342 19.43 -9.63 3.66
N PRO A 343 19.19 -10.51 2.70
CA PRO A 343 17.99 -10.38 1.85
C PRO A 343 16.70 -10.44 2.65
N VAL A 344 15.72 -9.64 2.21
CA VAL A 344 14.40 -9.66 2.79
C VAL A 344 13.37 -9.65 1.67
N ILE A 345 12.38 -10.55 1.79
CA ILE A 345 11.31 -10.71 0.82
C ILE A 345 10.02 -10.17 1.42
N CYS A 346 9.30 -9.33 0.68
CA CYS A 346 7.95 -8.96 1.07
C CYS A 346 6.99 -9.90 0.34
N ALA A 347 6.07 -10.52 1.10
CA ALA A 347 5.23 -11.57 0.55
C ALA A 347 3.76 -11.42 0.95
N THR A 348 2.90 -11.86 0.03
CA THR A 348 1.53 -12.32 0.27
C THR A 348 0.48 -11.24 0.10
N GLN A 349 -0.45 -11.50 -0.84
CA GLN A 349 -1.57 -10.64 -1.17
C GLN A 349 -1.15 -9.29 -1.75
N MET A 350 0.05 -9.21 -2.33
CA MET A 350 0.50 -7.95 -2.91
C MET A 350 -0.36 -7.53 -4.10
N LEU A 351 -0.81 -8.49 -4.90
CA LEU A 351 -1.65 -8.23 -6.08
C LEU A 351 -2.87 -9.15 -6.06
N GLU A 352 -3.43 -9.35 -4.87
CA GLU A 352 -4.35 -10.45 -4.64
C GLU A 352 -5.55 -10.43 -5.59
N SER A 353 -6.10 -9.23 -5.86
CA SER A 353 -7.28 -9.18 -6.72
C SER A 353 -7.00 -9.71 -8.13
N MET A 354 -5.73 -9.79 -8.53
CA MET A 354 -5.40 -10.27 -9.86
C MET A 354 -5.51 -11.78 -10.00
N ILE A 355 -5.83 -12.48 -8.92
CA ILE A 355 -6.25 -13.89 -9.06
C ILE A 355 -7.45 -13.98 -10.01
N LYS A 356 -8.34 -12.98 -9.96
CA LYS A 356 -9.56 -12.99 -10.75
C LYS A 356 -9.69 -11.86 -11.76
N LYS A 357 -8.94 -10.76 -11.61
CA LYS A 357 -9.09 -9.59 -12.47
C LYS A 357 -7.77 -9.27 -13.18
N PRO A 358 -7.81 -8.68 -14.39
CA PRO A 358 -6.59 -8.46 -15.17
C PRO A 358 -5.78 -7.24 -14.77
N ARG A 359 -6.28 -6.44 -13.83
CA ARG A 359 -5.61 -5.23 -13.33
CA ARG A 359 -5.49 -5.33 -13.31
C ARG A 359 -5.71 -5.23 -11.81
N PRO A 360 -4.75 -4.67 -11.09
CA PRO A 360 -4.80 -4.67 -9.64
C PRO A 360 -5.63 -3.51 -9.11
N THR A 361 -5.97 -3.60 -7.82
CA THR A 361 -6.60 -2.47 -7.16
C THR A 361 -5.57 -1.38 -6.89
N ARG A 362 -6.06 -0.21 -6.50
CA ARG A 362 -5.10 0.86 -6.21
C ARG A 362 -4.30 0.57 -4.94
N ALA A 363 -4.89 -0.13 -3.95
CA ALA A 363 -4.12 -0.52 -2.77
C ALA A 363 -3.00 -1.49 -3.13
N GLU A 364 -3.24 -2.37 -4.10
CA GLU A 364 -2.22 -3.34 -4.49
C GLU A 364 -1.07 -2.66 -5.23
N GLY A 365 -1.38 -1.74 -6.15
CA GLY A 365 -0.31 -0.98 -6.78
C GLY A 365 0.55 -0.23 -5.76
N SER A 366 -0.12 0.38 -4.78
CA SER A 366 0.59 1.08 -3.70
C SER A 366 1.43 0.12 -2.86
N ASP A 367 0.88 -1.05 -2.54
CA ASP A 367 1.60 -2.00 -1.70
C ASP A 367 2.92 -2.43 -2.33
N VAL A 368 2.91 -2.74 -3.62
CA VAL A 368 4.13 -3.18 -4.27
C VAL A 368 5.16 -2.06 -4.29
N ALA A 369 4.71 -0.84 -4.63
CA ALA A 369 5.64 0.29 -4.67
C ALA A 369 6.24 0.53 -3.31
N ASN A 370 5.42 0.52 -2.26
CA ASN A 370 5.92 0.83 -0.94
C ASN A 370 6.82 -0.26 -0.38
N ALA A 371 6.61 -1.52 -0.78
CA ALA A 371 7.56 -2.55 -0.35
C ALA A 371 8.94 -2.28 -0.92
N VAL A 372 9.01 -1.84 -2.18
CA VAL A 372 10.28 -1.51 -2.79
C VAL A 372 10.90 -0.29 -2.11
N LEU A 373 10.08 0.75 -1.88
CA LEU A 373 10.58 1.94 -1.20
C LEU A 373 11.04 1.64 0.22
N ASP A 374 10.33 0.72 0.91
CA ASP A 374 10.77 0.28 2.24
C ASP A 374 12.18 -0.29 2.20
N GLY A 375 12.52 -1.01 1.13
CA GLY A 375 13.81 -1.64 1.00
C GLY A 375 13.80 -3.13 0.71
N ALA A 376 12.65 -3.71 0.34
CA ALA A 376 12.61 -5.16 0.11
C ALA A 376 13.53 -5.56 -1.04
N ASP A 377 14.31 -6.62 -0.82
CA ASP A 377 15.13 -7.15 -1.92
C ASP A 377 14.27 -7.81 -2.98
N CYS A 378 13.27 -8.55 -2.55
CA CYS A 378 12.37 -9.25 -3.45
C CYS A 378 10.93 -8.99 -3.04
N ILE A 379 10.03 -9.12 -4.02
CA ILE A 379 8.60 -9.17 -3.79
C ILE A 379 8.08 -10.49 -4.35
N MET A 380 6.87 -10.87 -3.92
CA MET A 380 6.43 -12.24 -4.15
C MET A 380 4.98 -12.27 -4.61
N LEU A 381 4.67 -13.31 -5.37
CA LEU A 381 3.31 -13.64 -5.81
C LEU A 381 3.00 -15.05 -5.34
N SER A 382 1.78 -15.24 -4.83
CA SER A 382 1.37 -16.54 -4.31
C SER A 382 0.20 -17.01 -5.17
N GLY A 383 -1.05 -16.85 -4.70
CA GLY A 383 -2.19 -17.26 -5.51
C GLY A 383 -2.24 -16.61 -6.89
N GLU A 384 -1.73 -15.37 -6.99
CA GLU A 384 -1.75 -14.66 -8.26
C GLU A 384 -1.08 -15.44 -9.37
N THR A 385 -0.01 -16.18 -9.06
CA THR A 385 0.62 -16.99 -10.09
C THR A 385 0.35 -18.48 -9.93
N ALA A 386 0.06 -18.96 -8.73
CA ALA A 386 -0.12 -20.40 -8.53
C ALA A 386 -1.46 -20.88 -9.08
N LYS A 387 -2.52 -20.09 -8.87
CA LYS A 387 -3.88 -20.54 -9.09
C LYS A 387 -4.73 -19.58 -9.91
N GLY A 388 -4.28 -18.36 -10.15
CA GLY A 388 -5.13 -17.34 -10.71
C GLY A 388 -5.29 -17.39 -12.22
N ASP A 389 -6.16 -16.50 -12.70
CA ASP A 389 -6.50 -16.41 -14.11
C ASP A 389 -5.56 -15.52 -14.91
N TYR A 390 -4.71 -14.74 -14.23
CA TYR A 390 -3.84 -13.77 -14.91
C TYR A 390 -2.42 -13.85 -14.38
N PRO A 391 -1.80 -15.03 -14.37
CA PRO A 391 -0.44 -15.12 -13.82
C PRO A 391 0.57 -14.24 -14.53
N LEU A 392 0.54 -14.20 -15.87
CA LEU A 392 1.52 -13.39 -16.57
C LEU A 392 1.33 -11.91 -16.26
N GLU A 393 0.08 -11.45 -16.26
CA GLU A 393 -0.18 -10.03 -15.98
C GLU A 393 0.30 -9.66 -14.57
N ALA A 394 0.15 -10.58 -13.61
CA ALA A 394 0.61 -10.30 -12.26
C ALA A 394 2.13 -10.14 -12.22
N VAL A 395 2.86 -11.04 -12.88
CA VAL A 395 4.32 -10.88 -12.96
C VAL A 395 4.68 -9.56 -13.63
N ARG A 396 4.03 -9.26 -14.75
CA ARG A 396 4.35 -8.03 -15.48
C ARG A 396 4.08 -6.79 -14.65
N MET A 397 3.02 -6.81 -13.85
CA MET A 397 2.69 -5.65 -13.02
C MET A 397 3.69 -5.47 -11.88
N GLN A 398 4.14 -6.56 -11.25
CA GLN A 398 5.19 -6.40 -10.25
C GLN A 398 6.45 -5.82 -10.88
N HIS A 399 6.78 -6.26 -12.10
CA HIS A 399 7.96 -5.73 -12.77
C HIS A 399 7.81 -4.23 -13.02
N LEU A 400 6.66 -3.82 -13.56
CA LEU A 400 6.45 -2.41 -13.88
C LEU A 400 6.50 -1.54 -12.63
N ILE A 401 5.78 -1.94 -11.57
CA ILE A 401 5.72 -1.14 -10.36
C ILE A 401 7.09 -1.05 -9.71
N ALA A 402 7.78 -2.19 -9.62
CA ALA A 402 9.10 -2.20 -8.99
C ALA A 402 10.04 -1.21 -9.67
N ARG A 403 10.04 -1.19 -11.00
CA ARG A 403 10.95 -0.32 -11.71
C ARG A 403 10.62 1.16 -11.48
N GLU A 404 9.33 1.50 -11.46
CA GLU A 404 8.95 2.88 -11.13
C GLU A 404 9.37 3.24 -9.71
N ALA A 405 9.17 2.33 -8.76
CA ALA A 405 9.47 2.64 -7.37
C ALA A 405 10.97 2.76 -7.13
N GLU A 406 11.77 1.96 -7.84
CA GLU A 406 13.21 2.01 -7.67
C GLU A 406 13.74 3.38 -8.04
N ALA A 407 13.15 4.01 -9.06
CA ALA A 407 13.58 5.36 -9.45
C ALA A 407 13.22 6.39 -8.39
N ALA A 408 12.15 6.16 -7.63
CA ALA A 408 11.64 7.10 -6.65
C ALA A 408 12.34 7.00 -5.30
N ILE A 409 13.16 5.96 -5.08
CA ILE A 409 13.91 5.86 -3.85
C ILE A 409 14.77 7.09 -3.68
N TYR A 410 14.79 7.62 -2.46
CA TYR A 410 15.60 8.80 -2.13
C TYR A 410 17.00 8.31 -1.76
N HIS A 411 17.79 7.99 -2.80
CA HIS A 411 19.12 7.43 -2.58
C HIS A 411 20.02 8.35 -1.79
N LEU A 412 19.84 9.67 -1.92
CA LEU A 412 20.71 10.61 -1.22
C LEU A 412 20.68 10.36 0.29
N GLN A 413 19.50 10.11 0.84
CA GLN A 413 19.41 9.82 2.26
C GLN A 413 19.74 8.36 2.55
N LEU A 414 19.22 7.43 1.74
CA LEU A 414 19.42 6.00 2.00
C LEU A 414 20.90 5.65 2.03
N PHE A 415 21.65 6.10 1.03
CA PHE A 415 23.06 5.72 0.97
C PHE A 415 23.82 6.31 2.13
N GLU A 416 23.51 7.57 2.48
CA GLU A 416 24.16 8.19 3.63
C GLU A 416 23.91 7.38 4.91
N GLU A 417 22.67 6.93 5.11
CA GLU A 417 22.34 6.22 6.34
C GLU A 417 22.94 4.81 6.35
N LEU A 418 22.94 4.13 5.21
CA LEU A 418 23.54 2.79 5.18
C LEU A 418 25.01 2.84 5.54
N ARG A 419 25.72 3.84 5.02
CA ARG A 419 27.12 4.02 5.40
C ARG A 419 27.27 4.29 6.89
N ARG A 420 26.48 5.22 7.42
CA ARG A 420 26.63 5.60 8.82
C ARG A 420 26.32 4.44 9.75
N LEU A 421 25.40 3.56 9.37
CA LEU A 421 25.00 2.44 10.19
C LEU A 421 25.79 1.18 9.89
N ALA A 422 26.86 1.31 9.08
CA ALA A 422 27.73 0.20 8.73
C ALA A 422 29.07 0.39 9.42
N PRO A 423 29.58 -0.63 10.11
CA PRO A 423 30.81 -0.46 10.89
C PRO A 423 32.02 -0.26 10.01
N ILE A 424 32.95 0.55 10.52
CA ILE A 424 34.30 0.60 9.96
C ILE A 424 35.00 -0.70 10.34
N THR A 425 35.39 -1.48 9.34
CA THR A 425 36.12 -2.72 9.58
C THR A 425 37.44 -2.67 8.81
N SER A 426 38.30 -3.61 9.12
CA SER A 426 39.54 -3.77 8.39
C SER A 426 39.39 -4.66 7.17
N ASP A 427 38.17 -5.09 6.86
CA ASP A 427 37.97 -5.95 5.70
C ASP A 427 38.17 -5.14 4.43
N PRO A 428 39.23 -5.36 3.66
CA PRO A 428 39.42 -4.58 2.45
C PRO A 428 38.28 -4.73 1.45
N THR A 429 37.60 -5.88 1.43
CA THR A 429 36.55 -6.07 0.43
C THR A 429 35.33 -5.20 0.73
N GLU A 430 35.04 -4.94 2.01
CA GLU A 430 33.96 -4.02 2.35
CA GLU A 430 33.94 -4.03 2.32
C GLU A 430 34.29 -2.59 1.91
N ALA A 431 35.55 -2.20 2.07
CA ALA A 431 35.94 -0.87 1.62
C ALA A 431 35.85 -0.74 0.11
N THR A 432 36.24 -1.79 -0.61
CA THR A 432 36.06 -1.79 -2.06
C THR A 432 34.59 -1.64 -2.43
N ALA A 433 33.70 -2.36 -1.75
CA ALA A 433 32.28 -2.34 -2.12
C ALA A 433 31.68 -0.96 -1.90
N VAL A 434 31.95 -0.35 -0.74
CA VAL A 434 31.36 0.97 -0.50
C VAL A 434 32.00 2.00 -1.41
N GLY A 435 33.28 1.85 -1.72
CA GLY A 435 33.92 2.75 -2.67
C GLY A 435 33.33 2.63 -4.05
N ALA A 436 32.99 1.40 -4.47
CA ALA A 436 32.38 1.21 -5.79
C ALA A 436 31.00 1.83 -5.86
N VAL A 437 30.20 1.70 -4.80
CA VAL A 437 28.87 2.28 -4.84
C VAL A 437 28.97 3.79 -4.79
N GLU A 438 29.89 4.31 -3.97
CA GLU A 438 30.14 5.75 -3.96
C GLU A 438 30.51 6.24 -5.34
N ALA A 439 31.45 5.56 -6.00
CA ALA A 439 31.84 5.94 -7.35
C ALA A 439 30.66 5.87 -8.30
N SER A 440 29.82 4.83 -8.18
CA SER A 440 28.67 4.69 -9.06
CA SER A 440 28.69 4.70 -9.08
C SER A 440 27.73 5.88 -8.95
N PHE A 441 27.51 6.37 -7.72
CA PHE A 441 26.67 7.55 -7.57
C PHE A 441 27.36 8.79 -8.11
N LYS A 442 28.67 8.90 -7.93
CA LYS A 442 29.39 10.09 -8.36
C LYS A 442 29.33 10.28 -9.87
N CYS A 443 29.45 9.19 -10.64
CA CYS A 443 29.46 9.32 -12.09
C CYS A 443 28.15 8.85 -12.73
N CYS A 444 27.11 8.57 -11.94
CA CYS A 444 25.83 8.07 -12.44
CA CYS A 444 25.84 8.09 -12.45
C CYS A 444 26.06 6.90 -13.40
N SER A 445 26.76 5.90 -12.90
CA SER A 445 27.21 4.81 -13.76
CA SER A 445 27.22 4.79 -13.71
C SER A 445 26.04 4.00 -14.30
N GLY A 446 26.28 3.39 -15.46
CA GLY A 446 25.24 2.54 -16.04
C GLY A 446 25.14 1.17 -15.42
N ALA A 447 26.16 0.75 -14.68
CA ALA A 447 26.15 -0.57 -14.05
C ALA A 447 27.37 -0.67 -13.14
N ILE A 448 27.27 -1.60 -12.20
CA ILE A 448 28.44 -2.08 -11.47
C ILE A 448 28.59 -3.54 -11.90
N ILE A 449 29.66 -3.83 -12.62
CA ILE A 449 29.96 -5.21 -13.05
C ILE A 449 30.83 -5.85 -11.98
N VAL A 450 30.45 -7.04 -11.51
CA VAL A 450 31.17 -7.74 -10.45
CA VAL A 450 31.20 -7.72 -10.47
C VAL A 450 31.45 -9.16 -10.88
N LEU A 451 32.72 -9.56 -10.84
CA LEU A 451 33.11 -10.93 -11.13
C LEU A 451 33.11 -11.72 -9.82
N THR A 452 32.23 -12.73 -9.72
CA THR A 452 32.05 -13.37 -8.43
C THR A 452 31.87 -14.87 -8.60
N LYS A 453 32.51 -15.62 -7.70
CA LYS A 453 32.39 -17.07 -7.68
C LYS A 453 31.27 -17.53 -6.74
N SER A 454 31.28 -17.03 -5.50
CA SER A 454 30.31 -17.41 -4.49
C SER A 454 29.13 -16.46 -4.41
N GLY A 455 29.21 -15.30 -5.04
CA GLY A 455 28.23 -14.25 -4.88
C GLY A 455 28.66 -13.17 -3.92
N ARG A 456 29.64 -13.43 -3.05
CA ARG A 456 29.91 -12.56 -1.91
C ARG A 456 30.18 -11.12 -2.35
N TYR A 457 31.06 -10.95 -3.35
CA TYR A 457 31.43 -9.61 -3.76
C TYR A 457 30.21 -8.84 -4.25
N ALA A 458 29.30 -9.51 -4.95
CA ALA A 458 28.10 -8.83 -5.43
C ALA A 458 27.16 -8.50 -4.27
N HIS A 459 27.05 -9.39 -3.28
CA HIS A 459 26.23 -9.11 -2.10
C HIS A 459 26.74 -7.87 -1.39
N GLN A 460 28.05 -7.72 -1.31
CA GLN A 460 28.62 -6.60 -0.59
C GLN A 460 28.28 -5.28 -1.26
N VAL A 461 28.17 -5.26 -2.60
CA VAL A 461 27.77 -4.05 -3.31
C VAL A 461 26.28 -3.80 -3.12
N ALA A 462 25.48 -4.86 -3.24
CA ALA A 462 24.03 -4.69 -3.15
C ALA A 462 23.60 -4.10 -1.81
N ARG A 463 24.33 -4.39 -0.74
CA ARG A 463 23.89 -3.91 0.55
C ARG A 463 23.96 -2.39 0.65
N TYR A 464 24.72 -1.72 -0.23
CA TYR A 464 24.73 -0.25 -0.20
C TYR A 464 23.71 0.35 -1.16
N ARG A 465 22.95 -0.50 -1.82
CA ARG A 465 21.78 -0.11 -2.60
CA ARG A 465 21.77 -0.06 -2.57
C ARG A 465 22.10 0.95 -3.65
N PRO A 466 23.01 0.65 -4.57
CA PRO A 466 23.23 1.54 -5.70
C PRO A 466 21.97 1.67 -6.54
N ARG A 467 21.83 2.82 -7.18
CA ARG A 467 20.79 2.98 -8.18
CA ARG A 467 20.81 3.00 -8.20
C ARG A 467 21.10 2.12 -9.41
N ALA A 468 22.37 2.06 -9.80
CA ALA A 468 22.78 1.32 -10.99
C ALA A 468 22.62 -0.18 -10.80
N PRO A 469 22.24 -0.92 -11.84
CA PRO A 469 22.18 -2.37 -11.74
C PRO A 469 23.56 -2.99 -11.51
N ILE A 470 23.57 -4.14 -10.81
CA ILE A 470 24.77 -4.90 -10.54
C ILE A 470 24.76 -6.11 -11.47
N ILE A 471 25.68 -6.15 -12.43
CA ILE A 471 25.79 -7.31 -13.31
C ILE A 471 26.81 -8.25 -12.68
N ALA A 472 26.35 -9.38 -12.15
CA ALA A 472 27.23 -10.32 -11.45
C ALA A 472 27.57 -11.46 -12.39
N VAL A 473 28.82 -11.49 -12.86
CA VAL A 473 29.28 -12.53 -13.78
C VAL A 473 29.85 -13.66 -12.94
N THR A 474 29.33 -14.86 -13.14
CA THR A 474 29.78 -16.04 -12.43
C THR A 474 29.79 -17.23 -13.38
N ARG A 475 30.66 -18.19 -13.10
CA ARG A 475 30.58 -19.49 -13.75
C ARG A 475 29.84 -20.52 -12.90
N ASN A 476 29.46 -20.16 -11.68
CA ASN A 476 28.83 -21.09 -10.75
C ASN A 476 27.32 -21.03 -10.94
N PRO A 477 26.66 -22.06 -11.47
CA PRO A 477 25.21 -21.95 -11.72
C PRO A 477 24.38 -21.70 -10.48
N GLN A 478 24.75 -22.31 -9.35
CA GLN A 478 24.00 -22.09 -8.12
C GLN A 478 24.15 -20.64 -7.63
N THR A 479 25.37 -20.10 -7.70
CA THR A 479 25.57 -18.68 -7.40
C THR A 479 24.63 -17.82 -8.23
N ALA A 480 24.59 -18.09 -9.54
CA ALA A 480 23.74 -17.32 -10.43
C ALA A 480 22.28 -17.38 -9.98
N ARG A 481 21.80 -18.55 -9.55
CA ARG A 481 20.41 -18.65 -9.16
C ARG A 481 20.14 -17.96 -7.82
N GLN A 482 21.04 -18.14 -6.85
CA GLN A 482 20.84 -17.60 -5.51
C GLN A 482 20.99 -16.08 -5.48
N ALA A 483 21.69 -15.51 -6.47
CA ALA A 483 21.90 -14.06 -6.51
C ALA A 483 20.59 -13.29 -6.55
N HIS A 484 19.50 -13.90 -7.01
CA HIS A 484 18.23 -13.20 -7.12
C HIS A 484 17.67 -12.77 -5.79
N LEU A 485 18.17 -13.33 -4.69
CA LEU A 485 17.70 -12.90 -3.37
C LEU A 485 18.03 -11.44 -3.07
N TYR A 486 19.01 -10.84 -3.76
CA TYR A 486 19.49 -9.49 -3.46
C TYR A 486 18.99 -8.45 -4.45
N ARG A 487 18.51 -7.32 -3.92
CA ARG A 487 18.16 -6.19 -4.75
C ARG A 487 19.28 -5.82 -5.72
N GLY A 488 18.95 -5.76 -7.01
CA GLY A 488 19.84 -5.19 -7.98
C GLY A 488 20.86 -6.12 -8.56
N ILE A 489 21.01 -7.33 -8.05
CA ILE A 489 22.00 -8.25 -8.62
C ILE A 489 21.35 -8.96 -9.80
N PHE A 490 21.86 -8.66 -11.00
CA PHE A 490 21.42 -9.26 -12.25
C PHE A 490 22.46 -10.33 -12.58
N PRO A 491 22.22 -11.60 -12.24
CA PRO A 491 23.25 -12.63 -12.47
C PRO A 491 23.31 -13.02 -13.94
N VAL A 492 24.53 -13.21 -14.43
CA VAL A 492 24.74 -13.74 -15.76
C VAL A 492 25.72 -14.89 -15.65
N LEU A 493 25.41 -16.00 -16.32
CA LEU A 493 26.14 -17.24 -16.16
C LEU A 493 27.09 -17.38 -17.35
N CYS A 494 28.39 -17.24 -17.08
CA CYS A 494 29.39 -17.40 -18.11
C CYS A 494 29.65 -18.87 -18.36
N LYS A 495 29.56 -19.27 -19.63
CA LYS A 495 29.74 -20.66 -20.04
C LYS A 495 31.10 -20.92 -20.69
N ASP A 496 31.92 -19.90 -20.85
CA ASP A 496 33.20 -20.09 -21.51
C ASP A 496 34.19 -20.80 -20.60
N PRO A 497 35.10 -21.60 -21.17
CA PRO A 497 36.13 -22.23 -20.35
C PRO A 497 37.04 -21.19 -19.71
N VAL A 498 37.61 -21.56 -18.56
CA VAL A 498 38.58 -20.71 -17.90
C VAL A 498 39.81 -20.56 -18.78
N GLN A 499 40.24 -19.32 -19.00
CA GLN A 499 41.48 -19.08 -19.72
C GLN A 499 42.67 -19.25 -18.79
N GLU A 500 43.76 -19.81 -19.33
CA GLU A 500 44.93 -20.09 -18.50
C GLU A 500 45.54 -18.81 -17.95
N ALA A 501 45.59 -17.75 -18.76
CA ALA A 501 46.08 -16.45 -18.30
C ALA A 501 44.96 -15.73 -17.55
N TRP A 502 45.21 -15.37 -16.29
CA TRP A 502 44.15 -14.80 -15.46
C TRP A 502 43.61 -13.51 -16.06
N ALA A 503 44.50 -12.62 -16.51
CA ALA A 503 44.05 -11.36 -17.11
C ALA A 503 43.18 -11.61 -18.33
N GLU A 504 43.51 -12.63 -19.13
CA GLU A 504 42.67 -12.95 -20.28
C GLU A 504 41.31 -13.46 -19.82
N ASP A 505 41.27 -14.24 -18.74
CA ASP A 505 40.00 -14.74 -18.24
C ASP A 505 39.15 -13.62 -17.65
N VAL A 506 39.78 -12.66 -16.98
CA VAL A 506 39.05 -11.49 -16.50
C VAL A 506 38.45 -10.72 -17.67
N ASP A 507 39.27 -10.45 -18.69
CA ASP A 507 38.80 -9.70 -19.85
C ASP A 507 37.63 -10.41 -20.51
N LEU A 508 37.67 -11.74 -20.58
CA LEU A 508 36.57 -12.49 -21.16
C LEU A 508 35.28 -12.24 -20.39
N ARG A 509 35.35 -12.34 -19.06
CA ARG A 509 34.15 -12.20 -18.25
C ARG A 509 33.64 -10.76 -18.24
N VAL A 510 34.54 -9.78 -18.25
CA VAL A 510 34.11 -8.39 -18.32
C VAL A 510 33.44 -8.10 -19.66
N ASN A 511 34.04 -8.60 -20.75
CA ASN A 511 33.46 -8.41 -22.08
C ASN A 511 32.08 -9.05 -22.16
N PHE A 512 31.92 -10.22 -21.52
CA PHE A 512 30.60 -10.86 -21.42
C PHE A 512 29.59 -9.92 -20.76
N ALA A 513 29.96 -9.31 -19.63
CA ALA A 513 29.06 -8.38 -18.96
C ALA A 513 28.76 -7.17 -19.83
N MET A 514 29.77 -6.64 -20.54
CA MET A 514 29.52 -5.51 -21.42
C MET A 514 28.51 -5.88 -22.51
N ASN A 515 28.62 -7.08 -23.05
CA ASN A 515 27.68 -7.50 -24.08
C ASN A 515 26.28 -7.69 -23.50
N VAL A 516 26.18 -8.24 -22.29
CA VAL A 516 24.88 -8.36 -21.64
C VAL A 516 24.23 -7.00 -21.47
N GLY A 517 24.99 -6.03 -20.93
CA GLY A 517 24.41 -4.73 -20.65
C GLY A 517 23.98 -4.01 -21.91
N LYS A 518 24.78 -4.11 -22.98
CA LYS A 518 24.40 -3.50 -24.24
C LYS A 518 23.16 -4.19 -24.82
N ALA A 519 23.13 -5.53 -24.79
CA ALA A 519 22.01 -6.26 -25.40
C ALA A 519 20.71 -6.01 -24.63
N ARG A 520 20.79 -5.88 -23.31
CA ARG A 520 19.60 -5.66 -22.49
C ARG A 520 19.22 -4.20 -22.33
N GLY A 521 20.00 -3.28 -22.91
CA GLY A 521 19.67 -1.88 -22.84
C GLY A 521 20.02 -1.20 -21.52
N PHE A 522 20.91 -1.80 -20.73
CA PHE A 522 21.32 -1.14 -19.48
C PHE A 522 22.24 0.04 -19.76
N PHE A 523 23.08 -0.08 -20.78
CA PHE A 523 24.01 0.99 -21.12
C PHE A 523 24.39 0.85 -22.59
N LYS A 524 25.08 1.87 -23.08
CA LYS A 524 25.53 1.96 -24.46
C LYS A 524 27.04 2.13 -24.48
N LYS A 525 27.64 1.91 -25.64
CA LYS A 525 29.05 2.22 -25.83
C LYS A 525 29.31 3.67 -25.46
N GLY A 526 30.41 3.90 -24.73
CA GLY A 526 30.76 5.21 -24.26
C GLY A 526 30.21 5.59 -22.89
N ASP A 527 29.19 4.90 -22.40
CA ASP A 527 28.70 5.15 -21.04
C ASP A 527 29.78 4.73 -20.03
N VAL A 528 29.68 5.29 -18.83
CA VAL A 528 30.62 4.94 -17.77
C VAL A 528 30.04 3.81 -16.92
N VAL A 529 30.85 2.79 -16.64
CA VAL A 529 30.45 1.73 -15.73
C VAL A 529 31.58 1.46 -14.74
N ILE A 530 31.22 0.78 -13.65
CA ILE A 530 32.17 0.38 -12.62
C ILE A 530 32.44 -1.11 -12.81
N VAL A 531 33.71 -1.51 -12.75
CA VAL A 531 34.05 -2.93 -12.91
C VAL A 531 34.86 -3.37 -11.70
N LEU A 532 34.41 -4.45 -11.05
CA LEU A 532 35.08 -5.09 -9.93
C LEU A 532 35.54 -6.47 -10.39
N THR A 533 36.85 -6.69 -10.49
CA THR A 533 37.32 -7.85 -11.24
C THR A 533 37.48 -9.11 -10.39
N GLY A 534 37.09 -9.06 -9.12
CA GLY A 534 36.94 -10.28 -8.35
C GLY A 534 38.26 -10.85 -7.86
N TRP A 535 38.21 -12.14 -7.53
CA TRP A 535 39.35 -12.80 -6.89
C TRP A 535 40.53 -12.88 -7.85
N ARG A 536 41.72 -12.52 -7.34
CA ARG A 536 42.97 -12.61 -8.07
C ARG A 536 43.91 -13.57 -7.36
N PRO A 537 44.48 -14.56 -8.07
CA PRO A 537 45.40 -15.54 -7.46
C PRO A 537 46.64 -14.89 -6.85
N PHE A 541 46.09 -8.05 -2.74
CA PHE A 541 44.80 -7.35 -2.92
C PHE A 541 43.82 -8.19 -3.73
N THR A 542 42.53 -7.86 -3.60
CA THR A 542 41.49 -8.53 -4.35
C THR A 542 40.43 -7.54 -4.76
N ASN A 543 39.68 -7.91 -5.79
CA ASN A 543 38.52 -7.14 -6.27
C ASN A 543 38.91 -5.69 -6.58
N THR A 544 39.88 -5.57 -7.47
CA THR A 544 40.25 -4.26 -8.01
C THR A 544 39.04 -3.58 -8.62
N MET A 545 38.94 -2.27 -8.43
CA MET A 545 37.86 -1.48 -9.02
C MET A 545 38.42 -0.64 -10.16
N ARG A 546 37.70 -0.62 -11.29
CA ARG A 546 38.02 0.27 -12.39
C ARG A 546 36.75 1.00 -12.82
N VAL A 547 36.88 2.26 -13.17
CA VAL A 547 35.78 3.07 -13.68
C VAL A 547 36.10 3.34 -15.14
N VAL A 548 35.33 2.75 -16.05
CA VAL A 548 35.70 2.72 -17.47
C VAL A 548 34.54 3.11 -18.37
N PRO A 549 34.82 3.63 -19.57
CA PRO A 549 33.77 3.74 -20.59
C PRO A 549 33.49 2.38 -21.19
N VAL A 550 32.23 2.16 -21.55
CA VAL A 550 31.82 0.91 -22.18
C VAL A 550 32.47 0.83 -23.56
N PRO A 551 33.21 -0.24 -23.86
CA PRO A 551 33.87 -0.45 -25.14
C PRO A 551 32.90 -0.92 -26.20
N GLN B 34 8.25 0.94 25.65
CA GLN B 34 7.61 2.25 25.56
C GLN B 34 6.24 2.17 24.88
N THR B 35 5.67 3.34 24.65
CA THR B 35 4.39 3.49 23.96
C THR B 35 4.60 4.44 22.80
N GLN B 36 3.61 4.51 21.91
CA GLN B 36 3.53 5.52 20.86
C GLN B 36 4.73 5.48 19.91
N GLN B 37 5.42 4.35 19.82
CA GLN B 37 6.64 4.26 19.01
C GLN B 37 7.64 5.34 19.40
N LEU B 38 7.69 5.69 20.69
CA LEU B 38 8.61 6.74 21.11
C LEU B 38 10.07 6.32 20.94
N HIS B 39 10.38 5.03 21.08
CA HIS B 39 11.76 4.63 20.84
C HIS B 39 12.16 4.89 19.40
N ALA B 40 11.29 4.51 18.45
CA ALA B 40 11.55 4.82 17.05
C ALA B 40 11.58 6.32 16.81
N ALA B 41 10.82 7.10 17.59
CA ALA B 41 10.75 8.54 17.39
C ALA B 41 12.08 9.20 17.69
N MET B 42 12.92 8.59 18.51
CA MET B 42 14.19 9.18 18.92
CA MET B 42 14.19 9.16 18.93
C MET B 42 15.37 8.75 18.05
N ALA B 43 15.14 7.92 17.03
CA ALA B 43 16.23 7.47 16.16
C ALA B 43 16.86 8.64 15.43
N ASP B 44 18.17 8.55 15.19
CA ASP B 44 18.92 9.59 14.52
C ASP B 44 18.89 9.48 13.01
N THR B 45 18.44 8.34 12.45
CA THR B 45 18.33 8.15 11.02
C THR B 45 16.94 7.58 10.73
N PHE B 46 16.48 7.77 9.49
CA PHE B 46 15.21 7.15 9.12
C PHE B 46 15.33 5.63 9.11
N LEU B 47 16.48 5.11 8.68
CA LEU B 47 16.66 3.66 8.68
C LEU B 47 16.54 3.08 10.08
N GLU B 48 17.22 3.68 11.06
CA GLU B 48 17.08 3.20 12.43
C GLU B 48 15.66 3.42 12.95
N HIS B 49 15.01 4.51 12.53
CA HIS B 49 13.61 4.71 12.87
C HIS B 49 12.79 3.48 12.47
N MET B 50 12.96 3.01 11.23
CA MET B 50 12.20 1.84 10.83
CA MET B 50 12.25 1.82 10.77
C MET B 50 12.60 0.61 11.62
N CYS B 51 13.91 0.44 11.90
CA CYS B 51 14.36 -0.72 12.66
C CYS B 51 13.74 -0.80 14.03
N ARG B 52 13.31 0.34 14.59
CA ARG B 52 12.81 0.41 15.94
C ARG B 52 11.29 0.31 16.04
N LEU B 53 10.59 0.27 14.91
CA LEU B 53 9.13 0.15 14.97
C LEU B 53 8.77 -1.16 15.67
N ASP B 54 7.81 -1.07 16.59
CA ASP B 54 7.59 -2.10 17.60
C ASP B 54 6.09 -2.40 17.68
N ILE B 55 5.70 -3.59 17.23
CA ILE B 55 4.29 -3.98 17.28
C ILE B 55 3.77 -4.06 18.71
N ASP B 56 4.66 -4.10 19.70
CA ASP B 56 4.25 -4.14 21.09
C ASP B 56 4.27 -2.76 21.74
N SER B 57 4.43 -1.71 20.94
CA SER B 57 4.39 -0.35 21.46
C SER B 57 3.02 0.24 21.14
N PRO B 58 2.11 0.34 22.10
CA PRO B 58 0.73 0.68 21.78
C PRO B 58 0.57 2.18 21.55
N PRO B 59 -0.29 2.58 20.63
CA PRO B 59 -0.48 4.00 20.35
C PRO B 59 -1.32 4.68 21.43
N ILE B 60 -1.34 6.02 21.38
CA ILE B 60 -2.25 6.83 22.19
C ILE B 60 -3.68 6.56 21.79
N THR B 61 -4.63 7.05 22.59
CA THR B 61 -6.03 6.86 22.26
C THR B 61 -6.43 7.66 21.01
N ALA B 62 -5.90 8.87 20.89
CA ALA B 62 -6.34 9.79 19.84
C ALA B 62 -5.95 9.30 18.46
N ARG B 63 -6.86 9.47 17.50
CA ARG B 63 -6.62 9.14 16.11
C ARG B 63 -6.76 10.40 15.28
N ASN B 64 -5.70 10.77 14.55
CA ASN B 64 -5.60 12.09 13.93
C ASN B 64 -6.09 12.15 12.49
N THR B 65 -6.09 11.04 11.75
CA THR B 65 -6.42 11.07 10.34
C THR B 65 -7.93 11.05 10.16
N GLY B 66 -8.47 12.03 9.42
CA GLY B 66 -9.90 12.06 9.18
C GLY B 66 -10.35 10.88 8.33
N ILE B 67 -11.55 10.39 8.60
CA ILE B 67 -12.13 9.25 7.89
C ILE B 67 -13.38 9.73 7.18
N ILE B 68 -13.39 9.57 5.86
CA ILE B 68 -14.49 9.97 4.99
C ILE B 68 -15.16 8.70 4.48
N CYS B 69 -16.48 8.61 4.65
CA CYS B 69 -17.21 7.40 4.26
C CYS B 69 -18.30 7.73 3.25
N THR B 70 -18.30 7.00 2.13
CA THR B 70 -19.36 7.15 1.14
C THR B 70 -20.61 6.45 1.63
N ILE B 71 -21.74 7.17 1.58
CA ILE B 71 -23.01 6.62 2.07
C ILE B 71 -23.80 6.07 0.89
N GLY B 72 -24.41 4.92 1.10
CA GLY B 72 -25.19 4.26 0.07
C GLY B 72 -26.12 3.29 0.76
N PRO B 73 -26.67 2.35 0.00
CA PRO B 73 -27.64 1.39 0.59
C PRO B 73 -27.14 0.67 1.83
N ALA B 74 -25.85 0.33 1.90
CA ALA B 74 -25.33 -0.37 3.07
C ALA B 74 -25.28 0.51 4.32
N SER B 75 -25.29 1.83 4.17
CA SER B 75 -24.94 2.71 5.27
C SER B 75 -25.92 3.85 5.48
N ARG B 76 -27.03 3.88 4.74
CA ARG B 76 -27.93 5.02 4.66
C ARG B 76 -28.92 5.10 5.83
N SER B 77 -29.21 3.99 6.50
CA SER B 77 -30.20 4.03 7.57
C SER B 77 -29.67 4.78 8.79
N VAL B 78 -30.58 5.40 9.53
CA VAL B 78 -30.20 6.13 10.74
C VAL B 78 -29.47 5.22 11.70
N GLU B 79 -29.95 3.98 11.85
CA GLU B 79 -29.33 3.04 12.78
C GLU B 79 -27.89 2.73 12.40
N THR B 80 -27.65 2.45 11.11
CA THR B 80 -26.29 2.16 10.68
C THR B 80 -25.40 3.41 10.81
N LEU B 81 -25.93 4.58 10.44
CA LEU B 81 -25.12 5.79 10.52
C LEU B 81 -24.68 6.08 11.94
N LYS B 82 -25.56 5.81 12.92
CA LYS B 82 -25.15 5.99 14.31
C LYS B 82 -23.94 5.12 14.62
N GLU B 83 -23.92 3.89 14.11
CA GLU B 83 -22.79 3.01 14.37
C GLU B 83 -21.57 3.45 13.59
N MET B 84 -21.75 3.98 12.38
CA MET B 84 -20.60 4.48 11.64
CA MET B 84 -20.65 4.53 11.59
C MET B 84 -19.97 5.65 12.36
N ILE B 85 -20.77 6.55 12.96
CA ILE B 85 -20.20 7.67 13.71
C ILE B 85 -19.43 7.14 14.91
N LYS B 86 -20.05 6.23 15.66
CA LYS B 86 -19.35 5.60 16.79
C LYS B 86 -18.06 4.94 16.33
N SER B 87 -18.06 4.37 15.13
CA SER B 87 -16.91 3.64 14.63
C SER B 87 -15.80 4.55 14.12
N GLY B 88 -16.08 5.84 13.95
CA GLY B 88 -15.04 6.77 13.57
C GLY B 88 -15.31 7.65 12.35
N MET B 89 -16.47 7.51 11.70
CA MET B 89 -16.74 8.32 10.51
C MET B 89 -16.79 9.79 10.89
N ASN B 90 -16.00 10.60 10.16
CA ASN B 90 -16.01 12.05 10.36
C ASN B 90 -16.75 12.81 9.27
N VAL B 91 -16.76 12.29 8.04
CA VAL B 91 -17.36 12.96 6.90
C VAL B 91 -18.21 11.95 6.14
N ALA B 92 -19.47 12.30 5.88
CA ALA B 92 -20.31 11.49 5.02
C ALA B 92 -20.22 12.03 3.60
N ARG B 93 -19.78 11.17 2.67
CA ARG B 93 -19.67 11.51 1.25
C ARG B 93 -20.90 11.03 0.49
N LEU B 94 -21.53 11.95 -0.24
CA LEU B 94 -22.67 11.62 -1.10
C LEU B 94 -22.21 11.68 -2.55
N ASN B 95 -22.40 10.59 -3.28
CA ASN B 95 -21.90 10.45 -4.64
C ASN B 95 -23.01 10.78 -5.63
N PHE B 96 -22.93 11.96 -6.26
CA PHE B 96 -23.97 12.40 -7.17
C PHE B 96 -23.83 11.82 -8.57
N SER B 97 -22.90 10.89 -8.78
CA SER B 97 -22.96 10.07 -9.97
C SER B 97 -24.23 9.23 -10.03
N HIS B 98 -24.89 9.04 -8.90
CA HIS B 98 -26.12 8.24 -8.81
C HIS B 98 -27.16 8.98 -7.99
N GLY B 99 -28.41 8.58 -8.14
CA GLY B 99 -29.46 9.02 -7.23
C GLY B 99 -30.12 10.32 -7.66
N THR B 100 -31.28 10.57 -7.06
CA THR B 100 -32.04 11.79 -7.27
C THR B 100 -31.78 12.75 -6.11
N HIS B 101 -32.20 14.00 -6.29
CA HIS B 101 -32.10 14.95 -5.19
C HIS B 101 -32.96 14.53 -4.01
N GLU B 102 -34.15 13.97 -4.29
CA GLU B 102 -34.97 13.46 -3.19
C GLU B 102 -34.21 12.40 -2.39
N TYR B 103 -33.53 11.48 -3.09
CA TYR B 103 -32.77 10.43 -2.43
C TYR B 103 -31.66 11.03 -1.58
N HIS B 104 -30.89 11.95 -2.15
CA HIS B 104 -29.77 12.52 -1.39
C HIS B 104 -30.25 13.39 -0.25
N ALA B 105 -31.36 14.11 -0.44
CA ALA B 105 -31.90 14.88 0.69
C ALA B 105 -32.24 13.98 1.85
N GLU B 106 -32.79 12.79 1.57
CA GLU B 106 -33.12 11.88 2.66
C GLU B 106 -31.85 11.29 3.29
N THR B 107 -30.82 11.00 2.48
CA THR B 107 -29.54 10.57 3.06
C THR B 107 -29.01 11.63 4.02
N ILE B 108 -28.99 12.89 3.57
CA ILE B 108 -28.49 13.98 4.42
C ILE B 108 -29.34 14.10 5.68
N LYS B 109 -30.66 14.00 5.54
CA LYS B 109 -31.52 14.01 6.72
C LYS B 109 -31.12 12.91 7.70
N ASN B 110 -30.89 11.69 7.19
CA ASN B 110 -30.52 10.59 8.07
C ASN B 110 -29.17 10.82 8.72
N VAL B 111 -28.20 11.33 7.97
CA VAL B 111 -26.91 11.66 8.55
C VAL B 111 -27.07 12.63 9.72
N ARG B 112 -27.90 13.66 9.56
CA ARG B 112 -28.04 14.65 10.62
C ARG B 112 -28.83 14.10 11.81
N THR B 113 -29.85 13.27 11.55
CA THR B 113 -30.56 12.62 12.63
C THR B 113 -29.60 11.78 13.48
N ALA B 114 -28.79 10.94 12.81
CA ALA B 114 -27.80 10.15 13.53
C ALA B 114 -26.80 11.02 14.28
N THR B 115 -26.28 12.05 13.62
CA THR B 115 -25.30 12.92 14.27
C THR B 115 -25.89 13.58 15.50
N GLU B 116 -27.11 14.12 15.38
CA GLU B 116 -27.64 14.86 16.50
C GLU B 116 -28.21 13.95 17.59
N SER B 117 -28.33 12.65 17.34
CA SER B 117 -28.73 11.75 18.41
C SER B 117 -27.70 11.72 19.54
N PHE B 118 -26.48 12.22 19.28
CA PHE B 118 -25.44 12.28 20.29
C PHE B 118 -25.30 13.66 20.93
N ALA B 119 -26.09 14.65 20.50
CA ALA B 119 -25.85 16.02 20.93
C ALA B 119 -26.24 16.25 22.39
N SER B 120 -27.01 15.34 22.98
CA SER B 120 -27.39 15.47 24.39
C SER B 120 -26.16 15.51 25.30
N ASP B 121 -25.02 15.01 24.84
CA ASP B 121 -23.76 15.11 25.58
C ASP B 121 -22.81 15.97 24.75
N PRO B 122 -22.74 17.29 25.02
CA PRO B 122 -21.89 18.15 24.20
C PRO B 122 -20.40 17.89 24.37
N ILE B 123 -20.01 17.21 25.45
CA ILE B 123 -18.60 16.88 25.63
C ILE B 123 -18.19 15.71 24.74
N LEU B 124 -19.08 14.74 24.53
CA LEU B 124 -18.75 13.58 23.70
C LEU B 124 -19.24 13.69 22.26
N TYR B 125 -20.19 14.58 21.99
CA TYR B 125 -20.73 14.76 20.64
C TYR B 125 -19.60 14.93 19.62
N ARG B 126 -19.73 14.25 18.47
CA ARG B 126 -18.79 14.47 17.39
C ARG B 126 -19.48 15.17 16.23
N PRO B 127 -18.99 16.33 15.81
CA PRO B 127 -19.47 16.90 14.54
C PRO B 127 -19.22 15.92 13.41
N VAL B 128 -20.14 15.91 12.44
CA VAL B 128 -20.04 15.07 11.26
C VAL B 128 -20.29 15.94 10.04
N ALA B 129 -19.34 15.98 9.13
CA ALA B 129 -19.44 16.80 7.94
C ALA B 129 -20.20 16.07 6.82
N VAL B 130 -20.74 16.86 5.89
CA VAL B 130 -21.46 16.37 4.73
C VAL B 130 -20.74 16.87 3.50
N ALA B 131 -20.36 15.94 2.61
CA ALA B 131 -19.60 16.25 1.42
C ALA B 131 -20.37 15.83 0.18
N LEU B 132 -20.45 16.73 -0.80
CA LEU B 132 -21.14 16.45 -2.05
C LEU B 132 -20.09 16.15 -3.11
N ASP B 133 -20.11 14.95 -3.66
CA ASP B 133 -19.13 14.53 -4.65
C ASP B 133 -19.80 14.60 -6.02
N THR B 134 -19.32 15.48 -6.89
CA THR B 134 -20.06 15.75 -8.11
C THR B 134 -19.92 14.59 -9.11
N LYS B 135 -20.90 14.51 -10.00
CA LYS B 135 -20.77 13.61 -11.14
C LYS B 135 -19.62 14.06 -12.04
N GLY B 136 -19.64 15.33 -12.46
CA GLY B 136 -18.61 15.87 -13.31
C GLY B 136 -18.64 15.31 -14.72
N PRO B 137 -17.56 15.51 -15.48
CA PRO B 137 -17.48 15.04 -16.87
C PRO B 137 -17.20 13.54 -16.96
N GLU B 138 -18.08 12.78 -16.33
CA GLU B 138 -18.07 11.32 -16.33
C GLU B 138 -18.60 10.80 -17.66
N ILE B 139 -18.06 9.67 -18.10
CA ILE B 139 -18.61 8.91 -19.23
C ILE B 139 -19.14 7.59 -18.67
N ARG B 140 -20.37 7.22 -19.02
CA ARG B 140 -20.95 5.99 -18.53
C ARG B 140 -21.71 5.27 -19.64
N THR B 141 -21.76 3.95 -19.53
CA THR B 141 -22.58 3.14 -20.43
C THR B 141 -24.04 3.21 -20.00
N GLY B 142 -24.90 2.59 -20.79
CA GLY B 142 -26.33 2.54 -20.50
C GLY B 142 -26.70 1.31 -19.68
N LEU B 143 -28.00 1.02 -19.63
CA LEU B 143 -28.50 -0.13 -18.92
C LEU B 143 -28.48 -1.36 -19.82
N ILE B 144 -28.07 -2.49 -19.24
CA ILE B 144 -28.10 -3.76 -19.96
C ILE B 144 -29.55 -4.12 -20.27
N LYS B 145 -29.78 -4.61 -21.49
CA LYS B 145 -31.12 -5.05 -21.87
C LYS B 145 -31.65 -6.01 -20.81
N GLY B 146 -32.78 -5.63 -20.21
CA GLY B 146 -33.28 -6.28 -19.02
C GLY B 146 -33.95 -7.61 -19.20
N SER B 147 -34.16 -8.05 -20.44
CA SER B 147 -34.87 -9.29 -20.73
C SER B 147 -33.94 -10.51 -20.81
N GLY B 148 -32.63 -10.31 -20.71
CA GLY B 148 -31.72 -11.42 -20.69
C GLY B 148 -30.94 -11.48 -19.40
N THR B 149 -29.72 -12.00 -19.45
CA THR B 149 -28.84 -11.94 -18.28
C THR B 149 -28.53 -10.48 -17.95
N ALA B 150 -28.55 -10.17 -16.65
CA ALA B 150 -28.36 -8.78 -16.22
C ALA B 150 -26.94 -8.28 -16.48
N GLU B 151 -26.01 -9.19 -16.75
CA GLU B 151 -24.69 -8.86 -17.25
C GLU B 151 -24.47 -9.60 -18.56
N VAL B 152 -23.70 -9.00 -19.46
CA VAL B 152 -23.39 -9.65 -20.73
C VAL B 152 -21.89 -9.95 -20.74
N GLU B 153 -21.53 -11.00 -21.46
CA GLU B 153 -20.15 -11.44 -21.54
C GLU B 153 -19.51 -10.85 -22.80
N LEU B 154 -18.50 -10.00 -22.60
CA LEU B 154 -17.69 -9.51 -23.70
C LEU B 154 -16.48 -10.42 -23.81
N LYS B 155 -16.31 -11.04 -24.97
CA LYS B 155 -15.26 -12.03 -25.16
C LYS B 155 -14.15 -11.44 -26.03
N LYS B 156 -12.90 -11.74 -25.65
CA LYS B 156 -11.74 -11.29 -26.40
C LYS B 156 -11.89 -11.60 -27.88
N GLY B 157 -11.68 -10.57 -28.70
CA GLY B 157 -11.73 -10.71 -30.15
C GLY B 157 -13.09 -10.46 -30.76
N ALA B 158 -14.15 -10.47 -29.97
CA ALA B 158 -15.49 -10.22 -30.51
C ALA B 158 -15.63 -8.76 -30.93
N THR B 159 -16.55 -8.51 -31.85
CA THR B 159 -16.90 -7.15 -32.20
C THR B 159 -17.95 -6.62 -31.24
N LEU B 160 -17.86 -5.33 -30.96
CA LEU B 160 -18.84 -4.62 -30.15
C LEU B 160 -19.05 -3.27 -30.78
N LYS B 161 -20.29 -2.92 -31.06
CA LYS B 161 -20.60 -1.63 -31.65
C LYS B 161 -20.95 -0.65 -30.53
N ILE B 162 -20.32 0.51 -30.54
CA ILE B 162 -20.64 1.58 -29.61
C ILE B 162 -21.57 2.54 -30.32
N THR B 163 -22.71 2.83 -29.71
CA THR B 163 -23.69 3.72 -30.32
C THR B 163 -23.96 4.89 -29.40
N LEU B 164 -24.36 6.01 -30.00
CA LEU B 164 -24.86 7.15 -29.26
C LEU B 164 -26.36 7.29 -29.41
N ASP B 165 -26.99 6.37 -30.15
CA ASP B 165 -28.42 6.41 -30.40
C ASP B 165 -29.18 6.05 -29.14
N ASN B 166 -29.89 7.02 -28.57
CA ASN B 166 -30.58 6.81 -27.30
C ASN B 166 -31.64 5.73 -27.36
N ALA B 167 -31.99 5.25 -28.56
CA ALA B 167 -32.89 4.10 -28.63
C ALA B 167 -32.29 2.89 -27.91
N TYR B 168 -30.97 2.84 -27.78
CA TYR B 168 -30.29 1.71 -27.17
C TYR B 168 -29.81 2.01 -25.76
N MET B 169 -30.15 3.18 -25.22
CA MET B 169 -29.61 3.55 -23.92
CA MET B 169 -29.66 3.60 -23.91
C MET B 169 -30.02 2.58 -22.82
N GLU B 170 -31.12 1.85 -22.98
CA GLU B 170 -31.52 0.83 -22.02
C GLU B 170 -31.57 -0.55 -22.66
N LYS B 171 -30.84 -0.74 -23.76
CA LYS B 171 -30.78 -2.01 -24.48
C LYS B 171 -29.33 -2.46 -24.72
N CYS B 172 -28.42 -2.15 -23.80
CA CYS B 172 -27.02 -2.53 -24.02
C CYS B 172 -26.86 -4.04 -23.94
N ASP B 173 -26.05 -4.59 -24.84
CA ASP B 173 -25.73 -6.02 -24.74
C ASP B 173 -24.38 -6.27 -25.39
N GLU B 174 -24.11 -7.53 -25.71
CA GLU B 174 -22.80 -7.91 -26.26
C GLU B 174 -22.64 -7.50 -27.71
N ASN B 175 -23.71 -7.05 -28.37
CA ASN B 175 -23.64 -6.55 -29.74
C ASN B 175 -23.56 -5.04 -29.82
N ILE B 176 -24.30 -4.33 -28.99
CA ILE B 176 -24.38 -2.88 -29.08
C ILE B 176 -24.31 -2.30 -27.67
N LEU B 177 -23.43 -1.31 -27.50
CA LEU B 177 -23.20 -0.68 -26.21
C LEU B 177 -23.40 0.81 -26.38
N TRP B 178 -24.40 1.36 -25.69
CA TRP B 178 -24.63 2.79 -25.69
C TRP B 178 -23.82 3.46 -24.59
N LEU B 179 -23.32 4.65 -24.86
CA LEU B 179 -22.74 5.44 -23.79
C LEU B 179 -23.17 6.89 -23.97
N ASP B 180 -22.96 7.70 -22.95
CA ASP B 180 -23.62 9.00 -22.85
C ASP B 180 -22.73 10.16 -23.28
N TYR B 181 -21.54 9.88 -23.82
CA TYR B 181 -20.65 10.93 -24.31
C TYR B 181 -20.96 11.16 -25.80
N LYS B 182 -21.85 12.11 -26.07
CA LYS B 182 -22.40 12.27 -27.41
C LYS B 182 -21.37 12.71 -28.43
N ASN B 183 -20.26 13.32 -28.01
CA ASN B 183 -19.25 13.79 -28.94
C ASN B 183 -18.04 12.87 -29.02
N ILE B 184 -18.19 11.61 -28.58
CA ILE B 184 -17.05 10.71 -28.48
C ILE B 184 -16.39 10.46 -29.84
N CYS B 185 -17.17 10.45 -30.92
CA CYS B 185 -16.58 10.13 -32.21
C CYS B 185 -15.60 11.21 -32.68
N LYS B 186 -15.76 12.44 -32.20
CA LYS B 186 -14.85 13.51 -32.60
C LYS B 186 -13.49 13.40 -31.92
N VAL B 187 -13.41 12.77 -30.76
CA VAL B 187 -12.19 12.77 -29.97
C VAL B 187 -11.45 11.43 -30.02
N VAL B 188 -12.01 10.43 -30.70
CA VAL B 188 -11.29 9.19 -30.91
C VAL B 188 -11.11 9.00 -32.41
N GLU B 189 -10.11 8.20 -32.76
CA GLU B 189 -9.85 7.81 -34.14
C GLU B 189 -9.66 6.29 -34.17
N VAL B 190 -9.50 5.75 -35.38
CA VAL B 190 -9.26 4.31 -35.48
C VAL B 190 -7.99 3.96 -34.71
N GLY B 191 -8.07 2.90 -33.91
CA GLY B 191 -6.97 2.44 -33.10
C GLY B 191 -7.01 2.90 -31.65
N SER B 192 -7.83 3.90 -31.33
CA SER B 192 -7.97 4.36 -29.96
C SER B 192 -8.45 3.23 -29.06
N LYS B 193 -8.04 3.29 -27.79
CA LYS B 193 -8.47 2.29 -26.81
C LYS B 193 -9.55 2.87 -25.91
N ILE B 194 -10.50 2.03 -25.52
CA ILE B 194 -11.63 2.43 -24.68
C ILE B 194 -11.72 1.45 -23.50
N TYR B 195 -11.75 2.00 -22.29
CA TYR B 195 -11.80 1.19 -21.07
C TYR B 195 -13.15 1.33 -20.41
N VAL B 196 -13.65 0.21 -19.88
CA VAL B 196 -14.98 0.13 -19.28
C VAL B 196 -14.88 -0.60 -17.95
N ASP B 197 -15.62 -0.10 -16.95
CA ASP B 197 -15.81 -0.72 -15.66
C ASP B 197 -14.49 -0.84 -14.88
N ASP B 198 -14.06 0.27 -14.26
CA ASP B 198 -12.79 0.30 -13.53
C ASP B 198 -11.63 -0.11 -14.41
N GLY B 199 -11.73 0.18 -15.71
CA GLY B 199 -10.70 -0.18 -16.67
C GLY B 199 -10.42 -1.65 -16.78
N LEU B 200 -11.38 -2.50 -16.41
CA LEU B 200 -11.14 -3.95 -16.48
C LEU B 200 -11.45 -4.50 -17.87
N ILE B 201 -12.39 -3.89 -18.58
CA ILE B 201 -12.70 -4.24 -19.96
C ILE B 201 -12.05 -3.23 -20.87
N SER B 202 -11.47 -3.69 -21.97
CA SER B 202 -10.84 -2.78 -22.92
C SER B 202 -11.27 -3.10 -24.33
N LEU B 203 -11.47 -2.06 -25.13
CA LEU B 203 -11.88 -2.15 -26.51
C LEU B 203 -10.92 -1.36 -27.37
N GLN B 204 -10.77 -1.75 -28.63
CA GLN B 204 -9.96 -1.02 -29.59
C GLN B 204 -10.83 -0.60 -30.75
N VAL B 205 -10.85 0.70 -31.05
CA VAL B 205 -11.69 1.20 -32.14
C VAL B 205 -11.15 0.66 -33.47
N LYS B 206 -12.07 0.17 -34.31
CA LYS B 206 -11.73 -0.37 -35.62
C LYS B 206 -12.31 0.45 -36.77
N GLN B 207 -13.45 1.11 -36.57
CA GLN B 207 -14.02 1.97 -37.59
C GLN B 207 -14.89 3.03 -36.90
N LYS B 208 -15.28 4.05 -37.66
CA LYS B 208 -16.06 5.16 -37.14
C LYS B 208 -17.38 5.29 -37.89
N GLY B 209 -18.10 6.37 -37.61
CA GLY B 209 -19.39 6.59 -38.25
C GLY B 209 -20.01 7.88 -37.75
N ALA B 210 -21.23 8.13 -38.24
CA ALA B 210 -21.96 9.32 -37.84
C ALA B 210 -22.10 9.39 -36.33
N ASP B 211 -22.75 8.38 -35.75
CA ASP B 211 -22.97 8.33 -34.31
C ASP B 211 -22.72 6.92 -33.80
N PHE B 212 -21.58 6.35 -34.18
CA PHE B 212 -21.24 4.99 -33.73
C PHE B 212 -19.76 4.70 -33.98
N LEU B 213 -19.26 3.71 -33.26
CA LEU B 213 -17.92 3.19 -33.41
C LEU B 213 -17.97 1.66 -33.45
N VAL B 214 -17.11 1.06 -34.26
CA VAL B 214 -16.96 -0.39 -34.30
C VAL B 214 -15.68 -0.73 -33.57
N THR B 215 -15.79 -1.56 -32.53
N THR B 215 -15.78 -1.54 -32.52
CA THR B 215 -14.65 -1.92 -31.70
CA THR B 215 -14.62 -1.91 -31.72
C THR B 215 -14.50 -3.43 -31.64
C THR B 215 -14.50 -3.42 -31.62
N GLU B 216 -13.32 -3.86 -31.21
CA GLU B 216 -13.04 -5.26 -30.92
C GLU B 216 -12.67 -5.38 -29.45
N VAL B 217 -13.19 -6.41 -28.80
CA VAL B 217 -12.92 -6.61 -27.39
C VAL B 217 -11.48 -7.06 -27.23
N GLU B 218 -10.71 -6.29 -26.46
CA GLU B 218 -9.31 -6.65 -26.19
C GLU B 218 -9.20 -7.43 -24.89
N ASN B 219 -9.59 -6.83 -23.77
CA ASN B 219 -9.73 -7.52 -22.51
C ASN B 219 -11.23 -7.67 -22.25
N GLY B 220 -11.70 -8.91 -22.27
CA GLY B 220 -13.11 -9.18 -22.07
C GLY B 220 -13.50 -9.28 -20.61
N GLY B 221 -14.78 -9.51 -20.39
CA GLY B 221 -15.29 -9.68 -19.06
C GLY B 221 -16.80 -9.55 -19.05
N SER B 222 -17.36 -9.58 -17.84
CA SER B 222 -18.79 -9.40 -17.66
C SER B 222 -19.12 -7.92 -17.52
N LEU B 223 -20.09 -7.45 -18.28
CA LEU B 223 -20.46 -6.04 -18.31
C LEU B 223 -21.84 -5.84 -17.72
N GLY B 224 -21.92 -5.03 -16.67
CA GLY B 224 -23.18 -4.64 -16.07
C GLY B 224 -23.65 -3.30 -16.59
N SER B 225 -24.59 -2.71 -15.86
CA SER B 225 -25.20 -1.45 -16.25
C SER B 225 -24.44 -0.23 -15.74
N LYS B 226 -24.45 0.84 -16.54
CA LYS B 226 -24.06 2.17 -16.08
C LYS B 226 -22.64 2.18 -15.51
N LYS B 227 -21.71 1.63 -16.27
CA LYS B 227 -20.33 1.51 -15.81
C LYS B 227 -19.50 2.65 -16.37
N GLY B 228 -18.48 3.05 -15.61
CA GLY B 228 -17.65 4.16 -16.02
C GLY B 228 -16.76 3.81 -17.20
N VAL B 229 -16.54 4.79 -18.06
CA VAL B 229 -15.74 4.63 -19.28
C VAL B 229 -14.60 5.64 -19.26
N ASN B 230 -13.42 5.20 -19.65
CA ASN B 230 -12.26 6.09 -19.73
C ASN B 230 -11.63 6.04 -21.12
N LEU B 231 -11.16 7.19 -21.58
CA LEU B 231 -10.51 7.35 -22.88
C LEU B 231 -9.12 7.95 -22.64
N PRO B 232 -8.18 7.15 -22.12
CA PRO B 232 -6.89 7.72 -21.70
C PRO B 232 -6.11 8.38 -22.82
N GLY B 233 -6.32 7.99 -24.07
CA GLY B 233 -5.59 8.59 -25.16
C GLY B 233 -6.25 9.80 -25.79
N ALA B 234 -7.40 10.22 -25.29
CA ALA B 234 -8.22 11.22 -25.94
C ALA B 234 -8.29 12.49 -25.12
N ALA B 235 -8.54 13.61 -25.81
CA ALA B 235 -8.83 14.87 -25.15
C ALA B 235 -10.35 14.98 -25.03
N VAL B 236 -10.88 14.53 -23.88
CA VAL B 236 -12.33 14.56 -23.65
C VAL B 236 -12.76 16.01 -23.43
N ASP B 237 -13.80 16.44 -24.13
CA ASP B 237 -14.19 17.84 -24.16
C ASP B 237 -15.48 18.12 -23.40
N LEU B 238 -15.86 17.25 -22.46
CA LEU B 238 -17.03 17.49 -21.64
C LEU B 238 -16.80 18.70 -20.73
N PRO B 239 -17.86 19.42 -20.37
CA PRO B 239 -17.69 20.60 -19.52
C PRO B 239 -17.24 20.23 -18.13
N ALA B 240 -16.39 21.08 -17.55
CA ALA B 240 -15.97 20.87 -16.17
C ALA B 240 -17.18 20.85 -15.23
N VAL B 241 -18.14 21.72 -15.49
CA VAL B 241 -19.35 21.82 -14.68
C VAL B 241 -20.52 21.77 -15.65
N SER B 242 -21.19 20.63 -15.71
CA SER B 242 -22.33 20.46 -16.59
C SER B 242 -23.58 21.11 -15.98
N GLU B 243 -24.65 21.15 -16.78
CA GLU B 243 -25.93 21.64 -16.28
C GLU B 243 -26.39 20.83 -15.07
N LYS B 244 -26.19 19.50 -15.12
CA LYS B 244 -26.50 18.66 -13.98
C LYS B 244 -25.64 19.00 -12.78
N ASP B 245 -24.33 19.20 -12.99
CA ASP B 245 -23.48 19.60 -11.88
C ASP B 245 -23.94 20.91 -11.25
N ILE B 246 -24.37 21.87 -12.09
CA ILE B 246 -24.87 23.13 -11.54
C ILE B 246 -26.06 22.88 -10.63
N GLN B 247 -27.03 22.09 -11.10
CA GLN B 247 -28.17 21.73 -10.27
C GLN B 247 -27.73 21.08 -8.96
N ASP B 248 -26.76 20.16 -9.03
CA ASP B 248 -26.34 19.46 -7.84
C ASP B 248 -25.60 20.39 -6.88
N LEU B 249 -24.74 21.24 -7.40
CA LEU B 249 -24.02 22.18 -6.56
C LEU B 249 -24.98 23.16 -5.87
N LYS B 250 -25.97 23.66 -6.62
CA LYS B 250 -26.96 24.55 -6.01
C LYS B 250 -27.77 23.82 -4.95
N PHE B 251 -28.11 22.55 -5.21
CA PHE B 251 -28.74 21.72 -4.19
C PHE B 251 -27.83 21.59 -2.96
N GLY B 252 -26.52 21.42 -3.18
CA GLY B 252 -25.60 21.34 -2.05
C GLY B 252 -25.59 22.60 -1.21
N VAL B 253 -25.62 23.77 -1.86
CA VAL B 253 -25.73 25.02 -1.12
C VAL B 253 -27.03 25.05 -0.32
N GLU B 254 -28.15 24.68 -0.96
CA GLU B 254 -29.43 24.72 -0.27
C GLU B 254 -29.47 23.77 0.91
N GLN B 255 -28.77 22.64 0.81
CA GLN B 255 -28.71 21.64 1.87
C GLN B 255 -27.63 21.94 2.90
N ASP B 256 -26.88 23.03 2.75
CA ASP B 256 -25.89 23.45 3.73
C ASP B 256 -24.76 22.41 3.86
N VAL B 257 -24.35 21.83 2.73
CA VAL B 257 -23.22 20.90 2.80
C VAL B 257 -21.95 21.66 3.20
N ASP B 258 -20.97 20.91 3.69
CA ASP B 258 -19.75 21.52 4.23
C ASP B 258 -18.66 21.64 3.17
N MET B 259 -18.69 20.78 2.18
CA MET B 259 -17.59 20.71 1.22
C MET B 259 -18.10 20.04 -0.03
N VAL B 260 -17.43 20.33 -1.13
CA VAL B 260 -17.69 19.72 -2.43
CA VAL B 260 -17.70 19.70 -2.40
C VAL B 260 -16.43 19.00 -2.86
N PHE B 261 -16.59 17.75 -3.33
CA PHE B 261 -15.49 17.01 -3.95
C PHE B 261 -15.78 17.11 -5.45
N ALA B 262 -15.00 17.92 -6.15
CA ALA B 262 -15.30 18.23 -7.54
C ALA B 262 -14.55 17.27 -8.45
N SER B 263 -15.30 16.44 -9.19
CA SER B 263 -14.69 15.39 -9.99
C SER B 263 -14.00 15.92 -11.23
N PHE B 264 -12.89 15.29 -11.59
CA PHE B 264 -12.18 15.46 -12.87
C PHE B 264 -11.67 16.88 -13.07
N ILE B 265 -11.20 17.52 -12.00
CA ILE B 265 -10.66 18.87 -12.14
C ILE B 265 -9.37 18.80 -12.93
N ARG B 266 -9.30 19.57 -14.03
CA ARG B 266 -8.15 19.53 -14.93
C ARG B 266 -7.28 20.77 -14.86
N LYS B 267 -7.81 21.88 -14.36
CA LYS B 267 -7.11 23.16 -14.47
C LYS B 267 -7.77 24.15 -13.51
N ALA B 268 -7.09 25.28 -13.27
CA ALA B 268 -7.59 26.24 -12.30
C ALA B 268 -8.96 26.78 -12.70
N SER B 269 -9.18 26.99 -14.00
CA SER B 269 -10.46 27.54 -14.43
C SER B 269 -11.62 26.61 -14.11
N ASP B 270 -11.36 25.29 -14.02
CA ASP B 270 -12.42 24.39 -13.57
C ASP B 270 -12.80 24.67 -12.13
N VAL B 271 -11.81 24.92 -11.26
CA VAL B 271 -12.10 25.27 -9.88
C VAL B 271 -12.88 26.57 -9.80
N HIS B 272 -12.47 27.57 -10.59
CA HIS B 272 -13.18 28.84 -10.65
C HIS B 272 -14.65 28.62 -10.98
N GLU B 273 -14.94 27.75 -11.95
CA GLU B 273 -16.33 27.49 -12.32
C GLU B 273 -17.11 26.92 -11.15
N VAL B 274 -16.53 25.94 -10.44
CA VAL B 274 -17.22 25.40 -9.27
C VAL B 274 -17.49 26.50 -8.25
N ARG B 275 -16.48 27.35 -7.99
CA ARG B 275 -16.64 28.36 -6.96
C ARG B 275 -17.67 29.40 -7.37
N LYS B 276 -17.77 29.69 -8.67
CA LYS B 276 -18.78 30.62 -9.15
C LYS B 276 -20.19 30.06 -8.92
N VAL B 277 -20.38 28.77 -9.15
CA VAL B 277 -21.69 28.16 -8.96
C VAL B 277 -22.09 28.22 -7.50
N LEU B 278 -21.15 27.88 -6.60
CA LEU B 278 -21.43 27.97 -5.18
C LEU B 278 -21.74 29.41 -4.78
N GLY B 279 -21.06 30.36 -5.41
CA GLY B 279 -21.37 31.78 -5.31
C GLY B 279 -21.26 32.34 -3.89
N GLU B 280 -21.95 33.47 -3.70
CA GLU B 280 -21.91 34.14 -2.40
C GLU B 280 -22.55 33.30 -1.31
N LYS B 281 -23.71 32.71 -1.58
CA LYS B 281 -24.37 31.93 -0.53
C LYS B 281 -23.48 30.77 -0.10
N GLY B 282 -22.77 30.16 -1.05
CA GLY B 282 -21.93 29.01 -0.75
C GLY B 282 -20.47 29.34 -0.54
N LYS B 283 -20.16 30.61 -0.27
CA LYS B 283 -18.76 31.05 -0.33
C LYS B 283 -17.88 30.34 0.70
N ASN B 284 -18.45 29.85 1.79
CA ASN B 284 -17.68 29.21 2.84
C ASN B 284 -17.58 27.70 2.67
N ILE B 285 -18.24 27.15 1.65
CA ILE B 285 -18.14 25.71 1.39
C ILE B 285 -16.76 25.40 0.85
N LYS B 286 -16.12 24.36 1.37
CA LYS B 286 -14.77 24.03 0.94
C LYS B 286 -14.79 23.29 -0.39
N ILE B 287 -13.92 23.68 -1.33
CA ILE B 287 -13.82 23.00 -2.61
C ILE B 287 -12.58 22.11 -2.59
N ILE B 288 -12.79 20.81 -2.72
CA ILE B 288 -11.74 19.80 -2.81
C ILE B 288 -11.70 19.35 -4.26
N SER B 289 -10.62 19.65 -4.96
CA SER B 289 -10.50 19.24 -6.36
C SER B 289 -10.03 17.80 -6.43
N LYS B 290 -10.79 16.97 -7.14
CA LYS B 290 -10.41 15.58 -7.33
C LYS B 290 -9.46 15.49 -8.52
N ILE B 291 -8.28 14.96 -8.30
CA ILE B 291 -7.30 14.79 -9.36
C ILE B 291 -7.40 13.35 -9.83
N GLU B 292 -7.86 13.17 -11.07
CA GLU B 292 -8.08 11.82 -11.54
C GLU B 292 -7.77 11.66 -13.03
N ASN B 293 -6.97 12.54 -13.61
CA ASN B 293 -6.52 12.33 -14.98
C ASN B 293 -5.16 13.00 -15.14
N HIS B 294 -4.56 12.77 -16.31
CA HIS B 294 -3.19 13.22 -16.54
CA HIS B 294 -3.18 13.21 -16.50
C HIS B 294 -3.08 14.73 -16.48
N GLU B 295 -4.07 15.42 -17.06
CA GLU B 295 -3.99 16.89 -17.08
C GLU B 295 -4.06 17.48 -15.68
N GLY B 296 -4.91 16.93 -14.82
CA GLY B 296 -4.98 17.41 -13.45
C GLY B 296 -3.65 17.26 -12.72
N VAL B 297 -2.93 16.17 -12.98
CA VAL B 297 -1.60 16.01 -12.41
C VAL B 297 -0.65 17.07 -12.95
N ARG B 298 -0.67 17.27 -14.28
CA ARG B 298 0.25 18.23 -14.90
C ARG B 298 -0.03 19.65 -14.43
N ARG B 299 -1.30 20.00 -14.22
CA ARG B 299 -1.67 21.35 -13.82
C ARG B 299 -1.93 21.44 -12.33
N PHE B 300 -1.33 20.52 -11.56
CA PHE B 300 -1.65 20.40 -10.15
C PHE B 300 -1.43 21.70 -9.39
N ASP B 301 -0.31 22.40 -9.61
CA ASP B 301 -0.01 23.57 -8.80
C ASP B 301 -1.08 24.65 -8.93
N GLU B 302 -1.51 24.95 -10.16
CA GLU B 302 -2.53 25.98 -10.29
C GLU B 302 -3.87 25.52 -9.74
N ILE B 303 -4.17 24.22 -9.82
CA ILE B 303 -5.37 23.69 -9.21
C ILE B 303 -5.30 23.82 -7.69
N LEU B 304 -4.16 23.44 -7.10
CA LEU B 304 -4.01 23.54 -5.65
C LEU B 304 -4.17 24.97 -5.16
N GLU B 305 -3.60 25.93 -5.89
CA GLU B 305 -3.70 27.33 -5.47
CA GLU B 305 -3.69 27.34 -5.49
C GLU B 305 -5.14 27.78 -5.38
N ALA B 306 -5.99 27.38 -6.33
CA ALA B 306 -7.38 27.81 -6.34
C ALA B 306 -8.26 27.00 -5.40
N SER B 307 -7.86 25.78 -5.08
CA SER B 307 -8.70 24.87 -4.31
C SER B 307 -8.50 25.08 -2.83
N ASP B 308 -9.46 24.61 -2.05
CA ASP B 308 -9.26 24.53 -0.60
C ASP B 308 -8.48 23.27 -0.22
N GLY B 309 -8.61 22.22 -1.02
CA GLY B 309 -7.91 20.97 -0.74
C GLY B 309 -7.96 20.08 -1.95
N ILE B 310 -7.40 18.88 -1.81
CA ILE B 310 -7.18 17.98 -2.93
C ILE B 310 -7.64 16.57 -2.54
N MET B 311 -8.27 15.87 -3.48
CA MET B 311 -8.45 14.42 -3.35
C MET B 311 -7.62 13.71 -4.39
N VAL B 312 -6.79 12.77 -3.96
CA VAL B 312 -6.12 11.85 -4.87
C VAL B 312 -7.14 10.79 -5.25
N ALA B 313 -7.80 10.98 -6.38
CA ALA B 313 -8.96 10.15 -6.75
C ALA B 313 -8.44 8.99 -7.58
N ARG B 314 -7.98 7.95 -6.87
CA ARG B 314 -7.11 6.96 -7.51
C ARG B 314 -7.85 6.01 -8.43
N GLY B 315 -9.17 5.89 -8.29
CA GLY B 315 -9.93 5.03 -9.17
C GLY B 315 -9.77 5.43 -10.63
N ASP B 316 -10.27 6.62 -10.98
CA ASP B 316 -10.08 7.11 -12.34
C ASP B 316 -8.62 7.35 -12.65
N LEU B 317 -7.84 7.83 -11.69
CA LEU B 317 -6.46 8.19 -11.99
C LEU B 317 -5.68 7.00 -12.50
N GLY B 318 -5.88 5.82 -11.87
CA GLY B 318 -5.20 4.59 -12.22
C GLY B 318 -5.69 3.93 -13.49
N ILE B 319 -6.74 4.47 -14.12
CA ILE B 319 -7.13 4.08 -15.46
C ILE B 319 -6.62 5.08 -16.51
N GLU B 320 -6.65 6.37 -16.16
CA GLU B 320 -6.18 7.42 -17.06
C GLU B 320 -4.68 7.36 -17.26
N ILE B 321 -3.93 7.00 -16.21
CA ILE B 321 -2.48 6.83 -16.33
C ILE B 321 -2.16 5.39 -15.97
N PRO B 322 -0.96 4.91 -16.31
CA PRO B 322 -0.58 3.54 -15.95
C PRO B 322 -0.71 3.30 -14.45
N ALA B 323 -1.27 2.13 -14.11
CA ALA B 323 -1.47 1.79 -12.70
C ALA B 323 -0.19 1.89 -11.91
N GLU B 324 0.94 1.55 -12.54
CA GLU B 324 2.21 1.54 -11.82
C GLU B 324 2.75 2.93 -11.53
N LYS B 325 2.12 3.98 -12.05
CA LYS B 325 2.54 5.35 -11.77
C LYS B 325 1.70 6.06 -10.72
N VAL B 326 0.60 5.45 -10.26
CA VAL B 326 -0.30 6.16 -9.36
C VAL B 326 0.39 6.53 -8.05
N PHE B 327 1.25 5.66 -7.52
CA PHE B 327 1.89 5.98 -6.25
C PHE B 327 2.77 7.23 -6.37
N LEU B 328 3.35 7.48 -7.55
CA LEU B 328 4.14 8.69 -7.76
C LEU B 328 3.25 9.91 -7.67
N ALA B 329 2.11 9.88 -8.36
CA ALA B 329 1.18 11.00 -8.33
C ALA B 329 0.64 11.20 -6.92
N GLN B 330 0.35 10.11 -6.21
CA GLN B 330 -0.16 10.22 -4.84
C GLN B 330 0.85 10.89 -3.93
N LYS B 331 2.10 10.42 -3.94
CA LYS B 331 3.09 10.99 -3.05
C LYS B 331 3.46 12.41 -3.46
N MET B 332 3.47 12.70 -4.77
CA MET B 332 3.66 14.09 -5.21
C MET B 332 2.58 15.01 -4.65
N MET B 333 1.31 14.61 -4.77
CA MET B 333 0.23 15.51 -4.34
C MET B 333 0.19 15.66 -2.82
N ILE B 334 0.39 14.55 -2.09
CA ILE B 334 0.40 14.64 -0.64
C ILE B 334 1.53 15.55 -0.20
N GLY B 335 2.71 15.37 -0.78
CA GLY B 335 3.84 16.23 -0.45
C GLY B 335 3.54 17.70 -0.71
N ARG B 336 3.01 18.02 -1.89
CA ARG B 336 2.78 19.43 -2.21
C ARG B 336 1.65 20.03 -1.37
N CYS B 337 0.62 19.24 -1.09
CA CYS B 337 -0.41 19.72 -0.17
C CYS B 337 0.14 19.95 1.23
N ASN B 338 1.01 19.05 1.72
CA ASN B 338 1.65 19.25 3.01
C ASN B 338 2.49 20.53 3.00
N ARG B 339 3.19 20.77 1.89
N ARG B 339 3.22 20.78 1.92
CA ARG B 339 4.01 21.97 1.71
CA ARG B 339 4.00 22.02 1.86
C ARG B 339 3.17 23.23 1.70
C ARG B 339 3.08 23.24 1.88
N ALA B 340 1.94 23.16 1.19
CA ALA B 340 1.04 24.30 1.12
C ALA B 340 0.16 24.43 2.35
N GLY B 341 0.13 23.43 3.22
CA GLY B 341 -0.80 23.46 4.34
C GLY B 341 -2.25 23.36 3.94
N LYS B 342 -2.55 22.65 2.84
CA LYS B 342 -3.92 22.42 2.44
C LYS B 342 -4.24 20.95 2.56
N PRO B 343 -5.49 20.62 2.92
CA PRO B 343 -5.85 19.21 3.15
C PRO B 343 -5.73 18.37 1.88
N VAL B 344 -5.31 17.13 2.06
CA VAL B 344 -5.26 16.17 0.96
C VAL B 344 -5.87 14.85 1.44
N ILE B 345 -6.76 14.30 0.61
CA ILE B 345 -7.49 13.06 0.88
C ILE B 345 -6.90 11.97 -0.01
N CYS B 346 -6.57 10.82 0.58
CA CYS B 346 -6.27 9.63 -0.21
C CYS B 346 -7.55 8.81 -0.36
N ALA B 347 -7.90 8.48 -1.61
CA ALA B 347 -9.19 7.86 -1.88
C ALA B 347 -9.06 6.67 -2.81
N THR B 348 -9.97 5.71 -2.59
CA THR B 348 -10.46 4.71 -3.55
C THR B 348 -9.71 3.40 -3.50
N GLN B 349 -10.45 2.34 -3.17
CA GLN B 349 -9.98 0.96 -3.08
C GLN B 349 -8.97 0.74 -1.96
N MET B 350 -8.99 1.59 -0.94
CA MET B 350 -8.04 1.41 0.16
C MET B 350 -8.29 0.11 0.90
N LEU B 351 -9.56 -0.28 1.07
CA LEU B 351 -9.92 -1.53 1.73
C LEU B 351 -10.90 -2.32 0.88
N GLU B 352 -10.65 -2.34 -0.42
CA GLU B 352 -11.68 -2.74 -1.38
C GLU B 352 -12.21 -4.15 -1.11
N SER B 353 -11.34 -5.08 -0.73
CA SER B 353 -11.82 -6.45 -0.53
C SER B 353 -12.85 -6.57 0.60
N MET B 354 -12.92 -5.57 1.50
CA MET B 354 -13.88 -5.58 2.59
C MET B 354 -15.31 -5.27 2.13
N ILE B 355 -15.52 -4.99 0.84
CA ILE B 355 -16.88 -5.00 0.29
C ILE B 355 -17.52 -6.35 0.56
N LYS B 356 -16.72 -7.41 0.49
CA LYS B 356 -17.21 -8.78 0.61
C LYS B 356 -16.66 -9.54 1.81
N LYS B 357 -15.62 -9.07 2.48
CA LYS B 357 -14.97 -9.82 3.53
C LYS B 357 -14.80 -8.98 4.78
N PRO B 358 -14.83 -9.61 5.96
CA PRO B 358 -14.77 -8.84 7.22
C PRO B 358 -13.37 -8.34 7.60
N ARG B 359 -12.34 -8.72 6.85
CA ARG B 359 -10.97 -8.34 7.12
CA ARG B 359 -11.00 -8.24 7.12
C ARG B 359 -10.33 -7.95 5.79
N PRO B 360 -9.40 -7.00 5.77
CA PRO B 360 -8.77 -6.59 4.52
C PRO B 360 -7.60 -7.49 4.14
N THR B 361 -7.17 -7.35 2.89
CA THR B 361 -5.94 -8.01 2.45
C THR B 361 -4.73 -7.32 3.05
N ARG B 362 -3.58 -7.97 2.94
CA ARG B 362 -2.36 -7.36 3.46
C ARG B 362 -1.96 -6.10 2.66
N ALA B 363 -2.23 -6.08 1.35
CA ALA B 363 -1.94 -4.88 0.57
C ALA B 363 -2.81 -3.71 1.02
N GLU B 364 -4.05 -4.00 1.41
CA GLU B 364 -4.97 -2.95 1.83
C GLU B 364 -4.56 -2.38 3.18
N GLY B 365 -4.20 -3.21 4.15
CA GLY B 365 -3.70 -2.69 5.41
C GLY B 365 -2.46 -1.83 5.20
N SER B 366 -1.58 -2.27 4.31
CA SER B 366 -0.38 -1.52 3.98
C SER B 366 -0.72 -0.19 3.34
N ASP B 367 -1.67 -0.19 2.40
CA ASP B 367 -2.03 1.01 1.67
C ASP B 367 -2.55 2.10 2.62
N VAL B 368 -3.43 1.73 3.56
CA VAL B 368 -3.93 2.73 4.51
C VAL B 368 -2.79 3.27 5.36
N ALA B 369 -1.94 2.39 5.87
CA ALA B 369 -0.83 2.85 6.69
C ALA B 369 0.06 3.80 5.90
N ASN B 370 0.39 3.45 4.65
CA ASN B 370 1.34 4.27 3.91
C ASN B 370 0.73 5.60 3.48
N ALA B 371 -0.60 5.66 3.28
CA ALA B 371 -1.21 6.96 3.00
C ALA B 371 -1.04 7.90 4.17
N VAL B 372 -1.16 7.38 5.39
CA VAL B 372 -0.95 8.20 6.57
C VAL B 372 0.52 8.58 6.68
N LEU B 373 1.43 7.60 6.49
CA LEU B 373 2.85 7.92 6.55
C LEU B 373 3.25 8.93 5.48
N ASP B 374 2.64 8.85 4.28
CA ASP B 374 2.89 9.83 3.23
C ASP B 374 2.56 11.24 3.71
N GLY B 375 1.50 11.38 4.50
CA GLY B 375 1.06 12.67 4.98
C GLY B 375 -0.40 13.01 4.71
N ALA B 376 -1.21 12.03 4.30
CA ALA B 376 -2.61 12.31 3.97
C ALA B 376 -3.36 12.85 5.18
N ASP B 377 -4.14 13.92 4.97
CA ASP B 377 -4.97 14.44 6.04
C ASP B 377 -6.12 13.51 6.35
N CYS B 378 -6.73 12.98 5.31
CA CYS B 378 -7.87 12.08 5.42
C CYS B 378 -7.68 10.86 4.53
N ILE B 379 -8.37 9.80 4.91
CA ILE B 379 -8.48 8.60 4.09
C ILE B 379 -9.95 8.36 3.86
N MET B 380 -10.28 7.57 2.83
CA MET B 380 -11.66 7.50 2.39
C MET B 380 -12.07 6.06 2.11
N LEU B 381 -13.37 5.82 2.22
CA LEU B 381 -13.98 4.56 1.85
C LEU B 381 -15.08 4.86 0.85
N SER B 382 -15.21 3.99 -0.18
CA SER B 382 -16.19 4.18 -1.22
C SER B 382 -17.13 2.99 -1.17
N GLY B 383 -16.93 1.98 -2.02
CA GLY B 383 -17.83 0.82 -1.98
C GLY B 383 -17.85 0.13 -0.64
N GLU B 384 -16.74 0.20 0.12
CA GLU B 384 -16.67 -0.49 1.40
C GLU B 384 -17.75 -0.04 2.36
N THR B 385 -18.15 1.23 2.30
CA THR B 385 -19.23 1.70 3.15
C THR B 385 -20.53 1.95 2.41
N ALA B 386 -20.48 2.23 1.10
CA ALA B 386 -21.70 2.57 0.37
C ALA B 386 -22.51 1.33 0.05
N LYS B 387 -21.84 0.23 -0.29
CA LYS B 387 -22.52 -0.93 -0.85
C LYS B 387 -22.15 -2.26 -0.21
N GLY B 388 -21.09 -2.32 0.58
CA GLY B 388 -20.53 -3.61 0.96
C GLY B 388 -21.23 -4.22 2.15
N ASP B 389 -20.81 -5.45 2.46
CA ASP B 389 -21.42 -6.21 3.54
C ASP B 389 -20.82 -5.89 4.89
N TYR B 390 -19.70 -5.13 4.95
CA TYR B 390 -18.99 -4.90 6.21
C TYR B 390 -18.63 -3.43 6.39
N PRO B 391 -19.61 -2.53 6.27
CA PRO B 391 -19.27 -1.10 6.38
C PRO B 391 -18.65 -0.71 7.72
N LEU B 392 -19.18 -1.21 8.84
CA LEU B 392 -18.63 -0.80 10.12
C LEU B 392 -17.21 -1.33 10.32
N GLU B 393 -16.96 -2.57 9.86
CA GLU B 393 -15.62 -3.13 10.00
C GLU B 393 -14.61 -2.33 9.20
N ALA B 394 -15.01 -1.85 8.01
CA ALA B 394 -14.09 -1.05 7.20
C ALA B 394 -13.76 0.28 7.88
N VAL B 395 -14.77 0.96 8.44
CA VAL B 395 -14.50 2.19 9.19
C VAL B 395 -13.57 1.90 10.36
N ARG B 396 -13.88 0.86 11.13
CA ARG B 396 -13.06 0.54 12.31
C ARG B 396 -11.63 0.21 11.91
N MET B 397 -11.45 -0.46 10.78
CA MET B 397 -10.10 -0.80 10.35
C MET B 397 -9.32 0.44 9.92
N GLN B 398 -9.97 1.41 9.25
CA GLN B 398 -9.25 2.64 8.93
C GLN B 398 -8.84 3.38 10.19
N HIS B 399 -9.70 3.41 11.20
CA HIS B 399 -9.36 4.00 12.48
C HIS B 399 -8.15 3.31 13.11
N LEU B 400 -8.18 1.98 13.16
CA LEU B 400 -7.09 1.25 13.81
C LEU B 400 -5.78 1.45 13.08
N ILE B 401 -5.78 1.35 11.74
CA ILE B 401 -4.53 1.45 11.01
C ILE B 401 -3.99 2.87 11.10
N ALA B 402 -4.86 3.86 10.91
CA ALA B 402 -4.38 5.25 10.94
C ALA B 402 -3.71 5.55 12.27
N ARG B 403 -4.32 5.18 13.38
CA ARG B 403 -3.73 5.46 14.68
C ARG B 403 -2.36 4.79 14.83
N GLU B 404 -2.23 3.54 14.36
CA GLU B 404 -0.91 2.91 14.42
C GLU B 404 0.09 3.64 13.55
N ALA B 405 -0.31 4.05 12.35
CA ALA B 405 0.62 4.71 11.45
C ALA B 405 1.01 6.10 11.94
N GLU B 406 0.09 6.79 12.61
CA GLU B 406 0.40 8.12 13.14
C GLU B 406 1.55 8.08 14.13
N ALA B 407 1.62 7.01 14.93
CA ALA B 407 2.71 6.87 15.89
C ALA B 407 4.04 6.58 15.20
N ALA B 408 3.98 5.95 14.03
CA ALA B 408 5.16 5.52 13.30
C ALA B 408 5.76 6.61 12.43
N ILE B 409 5.08 7.75 12.28
CA ILE B 409 5.63 8.87 11.54
C ILE B 409 6.94 9.31 12.20
N TYR B 410 7.92 9.65 11.37
CA TYR B 410 9.22 10.15 11.85
C TYR B 410 9.13 11.66 12.00
N HIS B 411 8.49 12.08 13.10
CA HIS B 411 8.21 13.51 13.30
C HIS B 411 9.47 14.34 13.32
N LEU B 412 10.58 13.77 13.79
CA LEU B 412 11.81 14.53 13.89
C LEU B 412 12.20 15.10 12.52
N GLN B 413 12.14 14.28 11.48
CA GLN B 413 12.49 14.77 10.15
C GLN B 413 11.36 15.59 9.54
N LEU B 414 10.11 15.15 9.74
CA LEU B 414 8.98 15.83 9.12
C LEU B 414 8.88 17.27 9.60
N PHE B 415 8.97 17.47 10.92
CA PHE B 415 8.84 18.81 11.48
C PHE B 415 9.99 19.70 11.06
N GLU B 416 11.21 19.14 11.00
CA GLU B 416 12.33 19.94 10.54
C GLU B 416 12.14 20.37 9.10
N GLU B 417 11.63 19.48 8.25
CA GLU B 417 11.48 19.82 6.85
C GLU B 417 10.31 20.77 6.61
N LEU B 418 9.20 20.58 7.34
CA LEU B 418 8.10 21.52 7.23
C LEU B 418 8.55 22.93 7.62
N ARG B 419 9.33 23.03 8.70
CA ARG B 419 9.81 24.34 9.13
C ARG B 419 10.72 24.96 8.07
N ARG B 420 11.63 24.15 7.52
CA ARG B 420 12.63 24.67 6.59
C ARG B 420 11.98 25.15 5.30
N LEU B 421 10.89 24.52 4.88
CA LEU B 421 10.27 24.84 3.61
C LEU B 421 9.14 25.85 3.71
N ALA B 422 8.72 26.21 4.92
CA ALA B 422 7.59 27.12 5.07
C ALA B 422 7.97 28.52 4.59
N PRO B 423 7.00 29.28 4.08
CA PRO B 423 7.30 30.66 3.65
C PRO B 423 7.80 31.50 4.80
N ILE B 424 8.66 32.46 4.47
CA ILE B 424 9.22 33.36 5.48
C ILE B 424 8.18 34.40 5.86
N THR B 425 7.96 34.57 7.16
CA THR B 425 7.00 35.58 7.63
C THR B 425 7.31 35.94 9.07
N SER B 426 7.02 37.20 9.44
CA SER B 426 7.14 37.62 10.82
CA SER B 426 7.13 37.65 10.81
C SER B 426 5.80 37.58 11.55
N ASP B 427 4.77 37.02 10.93
CA ASP B 427 3.45 36.93 11.51
C ASP B 427 3.50 36.33 12.92
N PRO B 428 3.03 37.06 13.95
CA PRO B 428 3.01 36.49 15.29
C PRO B 428 2.21 35.20 15.43
N THR B 429 1.11 35.06 14.70
CA THR B 429 0.30 33.85 14.88
C THR B 429 1.05 32.63 14.37
N GLU B 430 1.67 32.74 13.20
CA GLU B 430 2.47 31.63 12.67
CA GLU B 430 2.47 31.63 12.67
C GLU B 430 3.60 31.25 13.61
N ALA B 431 4.30 32.26 14.16
CA ALA B 431 5.40 31.96 15.07
C ALA B 431 4.91 31.28 16.33
N THR B 432 3.73 31.70 16.83
CA THR B 432 3.16 31.06 18.01
C THR B 432 2.77 29.62 17.70
N ALA B 433 2.24 29.37 16.51
CA ALA B 433 1.86 28.02 16.11
C ALA B 433 3.07 27.09 16.07
N VAL B 434 4.16 27.52 15.44
CA VAL B 434 5.34 26.66 15.39
CA VAL B 434 5.34 26.64 15.39
C VAL B 434 5.92 26.48 16.78
N GLY B 435 5.93 27.55 17.59
CA GLY B 435 6.41 27.43 18.95
C GLY B 435 5.59 26.43 19.74
N ALA B 436 4.28 26.43 19.51
CA ALA B 436 3.40 25.49 20.20
C ALA B 436 3.70 24.06 19.77
N VAL B 437 3.93 23.83 18.48
CA VAL B 437 4.22 22.47 18.05
C VAL B 437 5.56 22.00 18.62
N GLU B 438 6.58 22.86 18.62
CA GLU B 438 7.85 22.46 19.23
C GLU B 438 7.69 22.18 20.72
N ALA B 439 6.95 23.04 21.42
CA ALA B 439 6.69 22.80 22.83
C ALA B 439 5.98 21.47 23.03
N SER B 440 5.02 21.14 22.15
CA SER B 440 4.27 19.90 22.32
C SER B 440 5.19 18.69 22.20
N PHE B 441 6.18 18.75 21.32
CA PHE B 441 7.16 17.67 21.23
C PHE B 441 8.03 17.61 22.48
N LYS B 442 8.44 18.78 22.98
CA LYS B 442 9.39 18.85 24.09
C LYS B 442 8.84 18.18 25.34
N CYS B 443 7.53 18.29 25.57
CA CYS B 443 6.93 17.74 26.78
C CYS B 443 5.97 16.59 26.47
N CYS B 444 5.98 16.08 25.24
CA CYS B 444 5.08 15.00 24.82
CA CYS B 444 5.08 15.00 24.82
C CYS B 444 3.67 15.28 25.31
N SER B 445 3.16 16.43 24.87
CA SER B 445 1.91 16.98 25.37
CA SER B 445 1.92 16.95 25.42
C SER B 445 0.73 16.10 25.00
N GLY B 446 -0.30 16.13 25.85
CA GLY B 446 -1.50 15.37 25.55
C GLY B 446 -2.39 15.98 24.49
N ALA B 447 -2.21 17.28 24.21
CA ALA B 447 -3.02 17.96 23.21
C ALA B 447 -2.49 19.38 23.06
N ILE B 448 -2.79 19.98 21.91
CA ILE B 448 -2.71 21.42 21.71
C ILE B 448 -4.15 21.92 21.57
N ILE B 449 -4.54 22.81 22.47
CA ILE B 449 -5.89 23.37 22.47
C ILE B 449 -5.86 24.71 21.75
N VAL B 450 -6.75 24.90 20.79
CA VAL B 450 -6.78 26.15 20.03
CA VAL B 450 -6.78 26.11 19.97
C VAL B 450 -8.22 26.60 19.89
N LEU B 451 -8.42 27.92 19.98
CA LEU B 451 -9.73 28.52 19.81
C LEU B 451 -9.81 29.10 18.41
N THR B 452 -10.90 28.81 17.69
CA THR B 452 -11.00 29.27 16.32
C THR B 452 -12.46 29.49 15.93
N LYS B 453 -12.71 30.56 15.20
CA LYS B 453 -14.04 30.84 14.66
C LYS B 453 -14.25 30.20 13.29
N SER B 454 -13.28 30.37 12.39
CA SER B 454 -13.46 29.94 11.01
C SER B 454 -12.59 28.75 10.64
N GLY B 455 -11.62 28.39 11.50
CA GLY B 455 -10.79 27.22 11.32
C GLY B 455 -9.31 27.54 11.21
N ARG B 456 -8.97 28.71 10.66
CA ARG B 456 -7.59 28.97 10.25
C ARG B 456 -6.59 28.76 11.38
N TYR B 457 -6.88 29.24 12.58
CA TYR B 457 -5.88 29.15 13.65
C TYR B 457 -5.52 27.69 13.92
N ALA B 458 -6.52 26.81 13.84
CA ALA B 458 -6.23 25.39 13.99
C ALA B 458 -5.50 24.83 12.78
N HIS B 459 -5.90 25.25 11.56
CA HIS B 459 -5.19 24.79 10.37
C HIS B 459 -3.72 25.13 10.45
N GLN B 460 -3.39 26.30 10.99
CA GLN B 460 -1.99 26.74 11.05
C GLN B 460 -1.16 25.82 11.93
N VAL B 461 -1.76 25.25 12.98
CA VAL B 461 -1.04 24.30 13.82
C VAL B 461 -0.92 22.98 13.11
N ALA B 462 -2.02 22.50 12.52
CA ALA B 462 -2.02 21.19 11.86
C ALA B 462 -0.96 21.10 10.76
N ARG B 463 -0.65 22.21 10.09
CA ARG B 463 0.28 22.09 8.98
C ARG B 463 1.69 21.78 9.44
N TYR B 464 2.01 21.97 10.72
CA TYR B 464 3.31 21.56 11.22
C TYR B 464 3.30 20.16 11.81
N ARG B 465 2.15 19.49 11.74
CA ARG B 465 1.97 18.05 11.96
C ARG B 465 2.48 17.60 13.33
N PRO B 466 1.99 18.18 14.42
CA PRO B 466 2.32 17.67 15.75
C PRO B 466 1.87 16.24 15.90
N ARG B 467 2.56 15.53 16.79
CA ARG B 467 2.06 14.24 17.24
C ARG B 467 0.81 14.40 18.09
N ALA B 468 0.79 15.41 18.96
CA ALA B 468 -0.33 15.60 19.87
C ALA B 468 -1.59 16.01 19.11
N PRO B 469 -2.77 15.53 19.53
CA PRO B 469 -4.01 15.97 18.91
C PRO B 469 -4.23 17.46 19.13
N ILE B 470 -4.91 18.07 18.16
CA ILE B 470 -5.26 19.50 18.20
C ILE B 470 -6.74 19.59 18.53
N ILE B 471 -7.07 19.97 19.76
CA ILE B 471 -8.47 20.13 20.14
C ILE B 471 -8.87 21.55 19.78
N ALA B 472 -9.67 21.70 18.73
CA ALA B 472 -10.05 23.01 18.22
C ALA B 472 -11.45 23.34 18.73
N VAL B 473 -11.55 24.33 19.62
CA VAL B 473 -12.82 24.76 20.18
C VAL B 473 -13.40 25.87 19.31
N THR B 474 -14.63 25.66 18.82
CA THR B 474 -15.32 26.67 18.04
C THR B 474 -16.78 26.70 18.49
N ARG B 475 -17.43 27.85 18.29
CA ARG B 475 -18.89 27.95 18.40
C ARG B 475 -19.57 27.87 17.05
N ASN B 476 -18.79 27.78 15.97
CA ASN B 476 -19.32 27.78 14.62
C ASN B 476 -19.52 26.34 14.21
N PRO B 477 -20.76 25.87 14.02
CA PRO B 477 -20.97 24.45 13.67
C PRO B 477 -20.36 24.05 12.35
N GLN B 478 -20.35 24.95 11.37
CA GLN B 478 -19.73 24.62 10.09
C GLN B 478 -18.21 24.45 10.22
N THR B 479 -17.56 25.35 10.97
CA THR B 479 -16.14 25.19 11.24
C THR B 479 -15.86 23.86 11.91
N ALA B 480 -16.71 23.47 12.85
CA ALA B 480 -16.52 22.20 13.54
C ALA B 480 -16.59 21.03 12.58
N ARG B 481 -17.51 21.07 11.61
CA ARG B 481 -17.60 20.00 10.62
C ARG B 481 -16.45 20.05 9.62
N GLN B 482 -16.08 21.24 9.15
CA GLN B 482 -15.05 21.34 8.13
C GLN B 482 -13.67 21.00 8.65
N ALA B 483 -13.46 21.11 9.96
CA ALA B 483 -12.14 20.89 10.57
C ALA B 483 -11.66 19.46 10.34
N HIS B 484 -12.58 18.53 10.07
CA HIS B 484 -12.22 17.15 9.83
C HIS B 484 -11.34 16.96 8.60
N LEU B 485 -11.25 17.95 7.73
CA LEU B 485 -10.39 17.81 6.57
C LEU B 485 -8.90 17.83 6.93
N TYR B 486 -8.54 18.25 8.13
CA TYR B 486 -7.14 18.45 8.52
C TYR B 486 -6.67 17.36 9.47
N ARG B 487 -5.50 16.81 9.20
CA ARG B 487 -4.87 15.88 10.11
C ARG B 487 -4.80 16.44 11.52
N GLY B 488 -5.33 15.70 12.47
CA GLY B 488 -5.12 15.99 13.87
C GLY B 488 -6.03 17.03 14.47
N ILE B 489 -6.89 17.68 13.70
CA ILE B 489 -7.80 18.66 14.27
C ILE B 489 -9.02 17.89 14.77
N PHE B 490 -9.18 17.84 16.09
CA PHE B 490 -10.31 17.21 16.74
C PHE B 490 -11.27 18.33 17.11
N PRO B 491 -12.28 18.64 16.29
CA PRO B 491 -13.15 19.79 16.59
C PRO B 491 -14.07 19.48 17.76
N VAL B 492 -14.29 20.49 18.60
CA VAL B 492 -15.31 20.41 19.62
C VAL B 492 -16.18 21.66 19.51
N LEU B 493 -17.49 21.44 19.45
CA LEU B 493 -18.45 22.51 19.25
C LEU B 493 -18.92 22.99 20.62
N CYS B 494 -18.49 24.18 21.01
CA CYS B 494 -18.90 24.76 22.28
C CYS B 494 -20.29 25.38 22.11
N LYS B 495 -21.20 25.04 23.02
CA LYS B 495 -22.57 25.52 22.92
C LYS B 495 -22.94 26.44 24.06
N ASP B 496 -21.98 26.84 24.88
CA ASP B 496 -22.25 27.76 25.97
C ASP B 496 -22.47 29.18 25.44
N PRO B 497 -23.28 29.98 26.13
CA PRO B 497 -23.39 31.40 25.77
C PRO B 497 -22.04 32.08 25.90
N VAL B 498 -21.85 33.14 25.10
CA VAL B 498 -20.66 33.97 25.22
C VAL B 498 -20.68 34.69 26.57
N GLN B 499 -19.57 34.66 27.27
CA GLN B 499 -19.45 35.32 28.57
C GLN B 499 -19.20 36.81 28.40
N GLU B 500 -19.61 37.58 29.41
CA GLU B 500 -19.47 39.03 29.34
C GLU B 500 -18.00 39.44 29.25
N ALA B 501 -17.16 38.87 30.08
CA ALA B 501 -15.73 39.18 30.08
C ALA B 501 -15.02 38.34 29.02
N TRP B 502 -14.21 38.99 28.19
CA TRP B 502 -13.46 38.28 27.14
C TRP B 502 -12.59 37.19 27.74
N ALA B 503 -11.87 37.51 28.82
CA ALA B 503 -10.97 36.54 29.44
C ALA B 503 -11.74 35.36 30.04
N GLU B 504 -12.92 35.64 30.61
CA GLU B 504 -13.76 34.55 31.12
C GLU B 504 -14.30 33.68 30.01
N ASP B 505 -14.60 34.27 28.85
CA ASP B 505 -15.09 33.47 27.74
C ASP B 505 -13.99 32.60 27.16
N VAL B 506 -12.76 33.12 27.11
CA VAL B 506 -11.63 32.29 26.69
C VAL B 506 -11.46 31.12 27.65
N ASP B 507 -11.48 31.39 28.96
CA ASP B 507 -11.28 30.34 29.95
C ASP B 507 -12.37 29.28 29.85
N LEU B 508 -13.62 29.69 29.61
CA LEU B 508 -14.71 28.72 29.47
C LEU B 508 -14.42 27.75 28.34
N ARG B 509 -14.01 28.28 27.18
CA ARG B 509 -13.77 27.44 26.02
C ARG B 509 -12.55 26.55 26.24
N VAL B 510 -11.51 27.07 26.90
CA VAL B 510 -10.36 26.22 27.20
C VAL B 510 -10.76 25.12 28.18
N ASN B 511 -11.53 25.45 29.21
CA ASN B 511 -11.95 24.45 30.19
C ASN B 511 -12.81 23.39 29.54
N PHE B 512 -13.63 23.78 28.56
CA PHE B 512 -14.42 22.83 27.80
C PHE B 512 -13.52 21.83 27.08
N ALA B 513 -12.46 22.32 26.44
CA ALA B 513 -11.52 21.42 25.78
C ALA B 513 -10.82 20.52 26.78
N MET B 514 -10.47 21.06 27.95
CA MET B 514 -9.83 20.25 28.98
C MET B 514 -10.71 19.10 29.40
N ASN B 515 -12.02 19.36 29.56
CA ASN B 515 -12.93 18.29 29.98
C ASN B 515 -13.20 17.30 28.85
N VAL B 516 -13.28 17.77 27.60
CA VAL B 516 -13.40 16.84 26.48
C VAL B 516 -12.19 15.92 26.42
N GLY B 517 -10.99 16.49 26.53
CA GLY B 517 -9.78 15.68 26.47
C GLY B 517 -9.70 14.66 27.60
N LYS B 518 -10.12 15.07 28.80
CA LYS B 518 -10.13 14.13 29.92
C LYS B 518 -11.17 13.04 29.72
N ALA B 519 -12.35 13.42 29.22
CA ALA B 519 -13.42 12.44 29.01
C ALA B 519 -13.10 11.46 27.90
N ARG B 520 -12.34 11.89 26.90
CA ARG B 520 -12.00 11.04 25.77
C ARG B 520 -10.72 10.26 25.99
N GLY B 521 -10.06 10.44 27.13
CA GLY B 521 -8.85 9.69 27.41
C GLY B 521 -7.60 10.20 26.72
N PHE B 522 -7.61 11.45 26.26
CA PHE B 522 -6.42 12.02 25.63
C PHE B 522 -5.36 12.40 26.66
N PHE B 523 -5.77 12.78 27.86
CA PHE B 523 -4.85 13.15 28.93
C PHE B 523 -5.58 13.07 30.25
N LYS B 524 -4.82 13.15 31.34
CA LYS B 524 -5.34 13.10 32.69
C LYS B 524 -4.43 13.96 33.58
N LYS B 525 -4.77 14.03 34.87
CA LYS B 525 -3.98 14.82 35.80
C LYS B 525 -2.51 14.38 35.76
N GLY B 526 -1.62 15.35 35.88
CA GLY B 526 -0.21 15.10 35.74
C GLY B 526 0.32 15.22 34.33
N ASP B 527 -0.56 15.20 33.32
CA ASP B 527 -0.12 15.43 31.96
C ASP B 527 0.04 16.92 31.70
N VAL B 528 0.57 17.26 30.54
CA VAL B 528 0.81 18.63 30.15
C VAL B 528 0.10 18.88 28.83
N VAL B 529 -0.55 20.04 28.70
CA VAL B 529 -1.24 20.43 27.49
C VAL B 529 -0.78 21.83 27.08
N ILE B 530 -0.76 22.07 25.77
CA ILE B 530 -0.44 23.37 25.21
C ILE B 530 -1.74 24.08 24.87
N VAL B 531 -1.86 25.36 25.24
CA VAL B 531 -3.10 26.12 25.03
C VAL B 531 -2.77 27.39 24.25
N LEU B 532 -3.40 27.55 23.09
CA LEU B 532 -3.22 28.71 22.22
C LEU B 532 -4.47 29.57 22.22
N THR B 533 -4.31 30.86 22.52
CA THR B 533 -5.47 31.75 22.57
C THR B 533 -5.13 33.12 21.96
N GLY B 534 -6.16 33.94 21.82
CA GLY B 534 -6.01 35.23 21.19
C GLY B 534 -5.32 36.24 22.08
N TRP B 535 -4.86 37.31 21.45
CA TRP B 535 -4.06 38.30 22.16
C TRP B 535 -4.90 39.07 23.17
N ARG B 536 -5.97 39.69 22.71
CA ARG B 536 -6.76 40.60 23.52
C ARG B 536 -8.03 40.93 22.73
N PRO B 537 -9.05 41.49 23.38
CA PRO B 537 -10.28 41.81 22.65
C PRO B 537 -10.01 42.69 21.45
N GLY B 538 -10.64 42.36 20.33
CA GLY B 538 -10.49 43.11 19.10
C GLY B 538 -9.27 42.79 18.27
N SER B 539 -8.41 41.88 18.72
CA SER B 539 -7.27 41.43 17.94
C SER B 539 -7.59 40.11 17.25
N GLY B 540 -7.05 39.94 16.04
CA GLY B 540 -7.09 38.68 15.34
C GLY B 540 -5.85 37.83 15.48
N PHE B 541 -4.88 38.24 16.29
CA PHE B 541 -3.67 37.46 16.53
C PHE B 541 -3.99 36.31 17.49
N THR B 542 -3.63 35.09 17.12
CA THR B 542 -3.60 33.99 18.07
C THR B 542 -2.12 33.81 18.40
N ASN B 543 -1.70 34.52 19.44
CA ASN B 543 -0.29 34.77 19.69
C ASN B 543 0.09 34.49 21.13
N THR B 544 -0.77 33.77 21.87
CA THR B 544 -0.56 33.54 23.30
C THR B 544 -0.51 32.03 23.53
N MET B 545 0.58 31.56 24.12
CA MET B 545 0.80 30.14 24.35
C MET B 545 1.01 29.88 25.82
N ARG B 546 0.24 28.96 26.38
CA ARG B 546 0.39 28.54 27.76
CA ARG B 546 0.40 28.54 27.76
C ARG B 546 0.65 27.04 27.79
N VAL B 547 1.56 26.63 28.66
CA VAL B 547 1.90 25.22 28.85
C VAL B 547 1.33 24.84 30.21
N VAL B 548 0.29 24.03 30.20
CA VAL B 548 -0.65 23.88 31.31
C VAL B 548 -0.52 22.46 31.87
N PRO B 549 -0.12 22.28 33.11
CA PRO B 549 -0.32 20.98 33.76
C PRO B 549 -1.81 20.67 33.82
N VAL B 550 -2.16 19.42 33.56
CA VAL B 550 -3.57 19.04 33.58
C VAL B 550 -4.00 18.86 35.03
N PRO B 551 -5.02 19.63 35.44
CA PRO B 551 -5.55 19.61 36.81
N CYS C . 17.76 -10.42 -9.81
CA CYS C . 16.70 -9.81 -10.63
C CYS C . 16.93 -10.12 -12.12
O CYS C . 16.12 -9.77 -13.00
CB CYS C . 16.64 -8.31 -10.40
SG CYS C . 18.22 -7.47 -10.78
OXT CYS C . 17.93 -10.78 -12.46
C1 OXL D . 3.19 -17.28 3.80
C2 OXL D . 2.29 -16.29 4.48
O1 OXL D . 3.31 -18.40 4.37
O2 OXL D . 1.61 -16.67 5.48
O3 OXL D . 3.78 -16.99 2.72
O4 OXL D . 2.25 -15.09 4.06
S SCN E . 20.81 -15.45 0.93
C SCN E . 22.57 -15.04 1.01
N SCN E . 23.67 -14.79 1.04
C1 B3P F . -7.28 -16.97 -1.41
C2 B3P F . -8.46 -17.56 -0.61
C3 B3P F . -5.97 -17.02 -0.62
N1 B3P F . -4.84 -16.68 -1.47
C4 B3P F . -3.56 -16.78 -0.77
C5 B3P F . -2.65 -15.65 -1.24
C6 B3P F . -3.76 -16.65 0.75
C7 B3P F . -2.89 -18.12 -1.08
N2 B3P F . -9.65 -17.57 -1.45
C8 B3P F . -10.83 -17.94 -0.68
C9 B3P F . -10.87 -17.16 0.64
C10 B3P F . -10.81 -19.45 -0.41
C11 B3P F . -12.06 -17.60 -1.50
O1 B3P F . -10.96 -15.79 0.34
O2 B3P F . -10.34 -19.66 0.90
O3 B3P F . -11.81 -17.99 -2.83
O4 B3P F . -2.69 -15.62 -2.64
O5 B3P F . -3.97 -15.29 1.04
O6 B3P F . -3.68 -19.17 -0.60
MG MG G . 2.16 -18.63 6.06
K K H . 3.98 -23.22 3.01
N CYS I . -10.93 15.13 12.79
CA CYS I . -10.94 13.73 13.24
C CYS I . -11.82 13.55 14.46
O CYS I . -12.00 12.42 14.95
CB CYS I . -9.52 13.24 13.54
SG CYS I . -8.67 14.25 14.77
OXT CYS I . -12.36 14.54 14.99
C1 OXL J . -12.09 8.04 -8.03
C2 OXL J . -13.16 8.91 -7.39
O1 OXL J . -12.10 7.92 -9.26
O2 OXL J . -13.88 9.55 -8.20
O3 OXL J . -11.23 7.50 -7.29
O4 OXL J . -13.31 8.96 -6.15
S SCN K . -10.33 22.81 3.49
C SCN K . -9.71 24.38 4.16
N SCN K . -9.34 25.37 4.57
C1 B3P L . -16.52 -2.25 -7.82
C2 B3P L . -16.06 -0.78 -7.84
C3 B3P L . -16.65 -2.83 -9.22
N1 B3P L . -17.24 -4.18 -9.16
C4 B3P L . -17.27 -4.83 -10.47
C5 B3P L . -18.52 -4.39 -11.26
C6 B3P L . -16.01 -4.51 -11.27
C7 B3P L . -17.33 -6.34 -10.27
N2 B3P L . -15.77 -0.30 -6.48
C8 B3P L . -15.46 1.13 -6.49
C9 B3P L . -14.61 1.46 -5.25
C10 B3P L . -14.66 1.53 -7.73
C11 B3P L . -16.77 1.95 -6.42
O1 B3P L . -15.20 0.86 -4.13
O2 B3P L . -13.44 0.83 -7.74
O3 B3P L . -17.42 1.87 -7.67
O4 B3P L . -18.42 -3.03 -11.63
O5 B3P L . -14.91 -5.01 -10.55
O6 B3P L . -18.37 -6.60 -9.37
C1 EDO M . -9.86 30.92 -6.31
O1 EDO M . -9.61 32.13 -6.95
C2 EDO M . -11.22 30.58 -6.88
O2 EDO M . -11.37 29.20 -6.98
C1 EDO N . 7.56 6.72 8.68
O1 EDO N . 7.36 7.51 7.50
C2 EDO N . 7.86 5.33 8.17
O2 EDO N . 7.99 4.39 9.20
MG MG O . -13.51 9.21 -10.21
K K P . -18.85 11.17 -8.42
#